data_9GW2
#
_entry.id   9GW2
#
_cell.length_a   1.00
_cell.length_b   1.00
_cell.length_c   1.00
_cell.angle_alpha   90.00
_cell.angle_beta   90.00
_cell.angle_gamma   90.00
#
_symmetry.space_group_name_H-M   'P 1'
#
loop_
_entity.id
_entity.type
_entity.pdbx_description
1 polymer 'Non-Template DNA'
2 polymer 'Histone-lysine N-methyltransferase SETD2'
3 polymer 'Template DNA'
4 polymer 'Histone H3.2'
5 polymer 'Histone H4'
6 polymer 'Histone H2A type 1-B/E'
7 polymer 'Histone H2B type 1-K'
8 polymer 'FACT complex subunit SPT16'
#
loop_
_entity_poly.entity_id
_entity_poly.type
_entity_poly.pdbx_seq_one_letter_code
_entity_poly.pdbx_strand_id
1 'polydeoxyribonucleotide'
;(DA)(DT)(DC)(DG)(DA)(DT)(DG)(DT)(DA)(DT)(DA)(DT)(DA)(DT)(DC)(DT)(DG)(DA)(DC)(DA)
(DC)(DG)(DT)(DG)(DC)(DC)(DT)(DG)(DG)(DA)(DG)(DA)(DC)(DT)(DA)(DG)(DG)(DG)(DA)(DG)
(DT)(DA)(DA)(DT)(DC)(DC)(DC)(DC)(DT)(DT)(DG)(DG)(DC)(DG)(DG)(DT)(DT)(DA)(DA)(DA)
(DA)(DC)(DG)(DC)(DG)(DG)(DG)(DG)(DG)(DA)(DC)(DA)(DG)(DC)(DG)(DC)(DG)(DT)(DA)(DC)
(DG)(DT)(DG)(DC)(DG)(DT)(DT)(DT)(DA)(DA)(DG)(DC)(DG)(DG)(DT)(DG)(DC)(DT)(DA)(DG)
(DA)(DG)(DC)(DT)(DG)(DT)(DC)(DT)(DA)(DC)(DG)(DA)(DC)(DC)(DA)(DA)(DT)(DT)(DG)(DA)
(DG)(DC)(DG)(DG)(DC)(DC)(DT)(DC)(DG)(DG)(DC)(DA)(DC)(DC)(DA)(DT)(DC)(DA)(DC)(DT)
(DG)(DT)(DC)(DG)(DC)(DG)(DG)(DC)(DC)(DC)(DT)(DT)(DG)(DT)(DG)(DT)(DT)(DC)(DA)(DG)
(DG)(DA)(DG)(DC)(DC)(DA)(DG)(DC)(DA)(DG)(DG)(DG)(DA)(DG)(DC)(DT)(DG)(DG)(DG)(DA)
(DG)(DC)
;
N
2 'polypeptide(L)'
;SNAETSVPPGSALVGPSCVMDDFRDPQRWKECAKQGKMPCYFDLIEENVYLTERKKNKSHRDIKRMQCECTPLSKDERAQ
GEIACGEDCLNRLLMIECSSRCPNGDYCSNRRFQRKQHADVEVILTEKKGWGLRAAKDLPSNTFVLEYCGEVLDHKEFKA
RVKEYARNKNIHYYFMALKNDEIIDATQKGNCSRFMNHSCEPNCETQKWTVNGQLRVGFFTTKLVPSGSELTFDYQFQRY
GKEAQKCFCGSANCRGYLGGENRVSIRAAGGKMKKERSRKKDSVDGELEALMENGEGLSDKNQVLSLSRLMVRIETLEQK
LTCLELIQNTHSQSCLKSFLERHGLSLLWIWMAELGDGRESNQKLQEEIIKTLEHLPIPTKNMLEESKVLPIIQRWSQTK
TAVPPLSEGDGYSSENTSRAHTPLNTPDPSTKLSTEADTDTPKKLMFRRLKIISENSMDSAISDATSELEGKDGKEDLDQ
LENVPVEEEEELQSQQLLPQQLPECKVDSETNIEASKLPTSEPEADAEIELKESNGTKLEEPINEETPSQDEEEGVSDVE
SERSQEQPDKTVDISDLATKLLDSWKDLKEVYRIPKKSQTEKENTTTERGRDAVGFRDQTPAPKTPNRSRERDPDKQTQN
KEKRKRRSSLSPPSSAYERGTKRPDDRYDTPTSKKKVRIKDRNKLSTEERRKLFEQEVAQREAQKQQQQMQNLGMTSPLP
YDSLGYNAPHHPFAGYPPGYPMQAYVDPSNPNAGKVLLPTPSMDPVCSPAPYDHAQPLVGHSTEPLSAPPPVPVVPHVAA
PVEVSSSQYVAQSDGVVHQDSSVAVLPVPAPGPVQGQNYSVWDSNQQSVSVQQQYSPAQSQATIYYQGQTCPTVYGVTSP
YSQTTPPIVQSYAQPSLQYIQGQQIFTAHPQGVVVQPAAAVTTIVAPGQPQPLQPSEMVVTNNLLDLPPPSPPKPKTIVL
PPNWKTARDPEGKIYYYHVITRQTQWDPPTWESPGDDASLEHEAEMDLGTPTYDENPMKASKKPKTAEADTSSELAKKSK
EVFRKEMSQFIVQCLNPYRKPDCKVGRITTTEDFKHLARKLTHGVMNKELKYCKNPEDLECNENVKHKTKEYIKKYMQKF
GAVYKPKEDTELE
;
O
3 'polydeoxyribonucleotide'
;(DG)(DC)(DT)(DC)(DC)(DC)(DA)(DG)(DC)(DT)(DC)(DC)(DC)(DT)(DG)(DC)(DT)(DG)(DG)(DC)
(DT)(DC)(DC)(DG)(DA)(DG)(DT)(DG)(DG)(DG)(DT)(DT)(DC)(DT)(DG)(DC)(DC)(DG)(DC)(DG)
(DA)(DC)(DA)(DG)(DT)(DG)(DA)(DT)(DG)(DG)(DT)(DG)(DC)(DC)(DG)(DA)(DG)(DG)(DC)(DC)
(DG)(DC)(DT)(DC)(DA)(DA)(DT)(DT)(DG)(DG)(DT)(DC)(DG)(DT)(DA)(DG)(DA)(DC)(DA)(DG)
(DC)(DT)(DC)(DT)(DA)(DG)(DC)(DA)(DC)(DC)(DG)(DC)(DT)(DT)(DA)(DA)(DA)(DC)(DG)(DC)
(DA)(DC)(DG)(DT)(DA)(DC)(DG)(DC)(DG)(DC)(DT)(DG)(DT)(DC)(DC)(DC)(DC)(DC)(DG)(DC)
(DG)(DT)(DT)(DT)(DT)(DA)(DA)(DC)(DC)(DG)(DC)(DC)(DA)(DA)(DG)(DG)(DG)(DG)(DA)(DT)
(DT)(DA)(DC)(DT)(DC)(DC)(DC)(DT)(DA)(DG)(DT)(DC)(DT)(DC)(DC)(DA)(DG)(DG)(DC)(DA)
(DC)(DG)(DT)(DG)(DT)(DC)(DA)(DG)(DA)(DT)(DA)(DT)(DA)(DT)(DA)(DC)(DA)(DT)(DC)(DG)
(DA)(DT)
;
T
4 'polypeptide(L)'
;MARTKQTARKSTGGKAPRKQLATKAARKSAPATGGVMKPHRYRPGTVALREIRRYQKSTELLIRKLPFQRLVREIAQDFK
TDLRFQSSAVMALQEASEAYLVGLFEDTNLAAIHAKRVTIMPKDIQLARRIRGERA
;
a,e
5 'polypeptide(L)'
;MSGRGKGGKGLGKGGAKRHRKVLRDNIQGITKPAIRRLARRGGVKRISGLIYEETRGVLKVFLENVIRDAVTYTEHAKRK
TVTAMDVVYALKRQGRTLYGFGG
;
b,f
6 'polypeptide(L)'
;SNAPWMSGRGKQGGKARAKAKTRSSRAGLQFPVGRVHRLLRKGNYSERVGAGAPVYLAAVLEYLTAEILELAGNAARDNK
KTRIIPRHLQLAIRNDEELNKLLGRVTIAQGGVLPNIQAVLLPKKTESHHKAKGK
;
c,g
7 'polypeptide(L)'
;MPEPAKSAPAPKKGSKKAVTKAQKKDGKKRKRSRKESYSVYVYKVLKQVHPDTGISSKAMGIMNSFVNDIFERIAGEASR
LAHYNKRSTITSREIQTAVRLLLPGELAKHAVSEGTKAVTKYTSAK
;
d,h
8 'polypeptide(L)'
;SNMAVTLDKDAYYRRVKRLYSNWRKGEDEYANVDAIVVSVGVDEEIVYAKSTALQTWLFGYELTDTIMVFCDDKIIFMAS
KKKVEFLKQIANTKGNENANGAPAITLLIREKNESNKSSFDKMIEAIKESKNGKKIGVFSKDKFPGEFMKSWNDCLNKEG
FDKIDISAVVAYTIAVKEDGELNLMKKAASITSEVFNKFFKERVMEIVDADEKVRHSKLAESVEKAIEEKKYLAGADPST
VEMCYPPIIQSGGNYNLKFSVVSDKNHMHFGAITCAMGIRFKSYCSNLVRTLMVDPSQEVQENYNFLLQLQEELLKELRH
GVKICDVYNAVMDVVKKQKPELLNKITKNLGFGMGIEFREGSLVINSKNQYKLKKGMVFSINLGFSDLTNKEGKKPEEKT
YALFIGDTVLVDEDGPATVLTSVKKKVKNVGIFLKNEDEEEEEEEKDEAEDLLGRGSRAALLTERTRNEMTAEEKRRAHQ
KELAAQLNEEAKRRLTEQKGEQQIQKARKSNVSYKNPSLMPKEPHIREMKIYIDKKYETVIMPVFGIATPFHIATIKNIS
MSVEGDYTYLRINFYCPGSALGRNEGNIFPNPEATFVKEITYRASNIKAPGEQTVPALNLQNAFRIIKEVQKRYKTREAE
EKEKEGIVKQDSLVINLNRSNPKLKDLYIRPNIAQKRMQGSLEAHVNGFRFTSVRGDKVDILYNNIKHALFQPCDGEMII
VLHFHLKNAIMFGKKRHTDVQFYTEVGEITTDLGKHQHMHDRDDLYAEQMEREMRHKLKTAFKNFIEKVEALTKEELEFE
VPFRDLGFNGAPYRSTCLLQPTSSALVNATEWPPFVVTLDEVELIHFERVQFHLKNFDMVIVYKDYSKKVTMINAIPVAS
LDPIKEWLNSCDLKYTEGVQSLNWTKIMKTIVDDPEGFFEQGGWSFLEPEGEGSDAEEGDSESEIEDETFNPSEDDYEEE
EEDSDEDYSSEAEESDYSKESLGSEEESGKDWDELEEEARKADRESRYEEEEEQSRSMSRKRKASVHSSGRGSNRGSRHS
SAPPKKKRK
;
j
#
loop_
_chem_comp.id
_chem_comp.type
_chem_comp.name
_chem_comp.formula
DA DNA linking 2'-DEOXYADENOSINE-5'-MONOPHOSPHATE 'C10 H14 N5 O6 P'
DC DNA linking 2'-DEOXYCYTIDINE-5'-MONOPHOSPHATE 'C9 H14 N3 O7 P'
DG DNA linking 2'-DEOXYGUANOSINE-5'-MONOPHOSPHATE 'C10 H14 N5 O7 P'
DT DNA linking THYMIDINE-5'-MONOPHOSPHATE 'C10 H15 N2 O8 P'
#
# COMPACT_ATOMS: atom_id res chain seq x y z
N ASP B 21 11.33 48.92 -27.19
CA ASP B 21 10.19 49.81 -27.42
C ASP B 21 10.00 50.14 -28.90
N ASP B 22 11.07 49.96 -29.69
CA ASP B 22 11.02 50.27 -31.12
C ASP B 22 9.88 49.56 -31.84
N PHE B 23 9.49 48.37 -31.39
CA PHE B 23 8.41 47.59 -31.98
C PHE B 23 7.01 48.02 -31.56
N ARG B 24 6.91 48.92 -30.58
CA ARG B 24 5.65 49.44 -30.07
C ARG B 24 5.04 50.51 -30.96
N ASP B 25 5.79 51.03 -31.94
CA ASP B 25 5.30 52.03 -32.89
C ASP B 25 5.28 51.43 -34.30
N PRO B 26 4.11 50.98 -34.77
CA PRO B 26 3.98 50.39 -36.12
C PRO B 26 4.42 51.26 -37.29
N GLN B 27 4.17 52.57 -37.23
CA GLN B 27 4.50 53.48 -38.33
C GLN B 27 6.02 53.67 -38.47
N ARG B 28 6.68 54.03 -37.36
CA ARG B 28 8.12 54.19 -37.37
C ARG B 28 8.79 52.86 -37.74
N TRP B 29 8.31 51.76 -37.18
CA TRP B 29 8.88 50.45 -37.48
C TRP B 29 8.81 50.14 -38.98
N LYS B 30 7.62 50.25 -39.58
CA LYS B 30 7.45 49.95 -41.00
C LYS B 30 8.36 50.79 -41.89
N GLU B 31 8.45 52.10 -41.63
CA GLU B 31 9.34 52.95 -42.43
C GLU B 31 10.80 52.63 -42.18
N CYS B 32 11.21 52.42 -40.93
CA CYS B 32 12.58 52.03 -40.62
C CYS B 32 12.93 50.69 -41.25
N ALA B 33 11.95 49.79 -41.41
CA ALA B 33 12.18 48.48 -42.02
C ALA B 33 12.42 48.62 -43.52
N LYS B 34 11.74 49.57 -44.17
CA LYS B 34 12.00 49.80 -45.60
C LYS B 34 13.41 50.34 -45.81
N GLN B 35 13.90 51.15 -44.88
CA GLN B 35 15.21 51.77 -44.87
C GLN B 35 16.32 50.85 -44.36
N GLY B 36 16.00 49.61 -43.98
CA GLY B 36 16.97 48.66 -43.44
C GLY B 36 17.45 48.94 -42.04
N LYS B 37 16.83 49.90 -41.36
CA LYS B 37 17.18 50.29 -40.00
C LYS B 37 16.56 49.33 -38.98
N MET B 38 15.53 48.60 -39.37
CA MET B 38 14.82 47.62 -38.56
C MET B 38 14.43 46.41 -39.39
N PRO B 39 14.20 45.27 -38.76
CA PRO B 39 13.71 44.10 -39.49
C PRO B 39 12.28 44.29 -39.98
N CYS B 40 11.91 43.50 -40.99
CA CYS B 40 10.59 43.59 -41.58
C CYS B 40 9.47 43.36 -40.56
N TYR B 41 8.32 43.94 -40.87
CA TYR B 41 7.11 43.86 -40.04
C TYR B 41 6.43 42.50 -40.00
N PHE B 42 5.94 42.17 -38.81
CA PHE B 42 5.13 41.00 -38.48
C PHE B 42 4.15 41.45 -37.41
N ASP B 43 3.04 40.73 -37.21
CA ASP B 43 2.13 41.16 -36.15
C ASP B 43 2.75 40.81 -34.80
N LEU B 44 3.00 41.82 -33.98
CA LEU B 44 3.56 41.60 -32.65
C LEU B 44 2.48 41.01 -31.76
N ILE B 45 2.67 39.76 -31.31
CA ILE B 45 1.69 39.07 -30.48
C ILE B 45 2.36 38.58 -29.20
N GLU B 46 1.64 38.68 -28.08
CA GLU B 46 2.17 38.32 -26.77
C GLU B 46 2.10 36.83 -26.46
N GLU B 47 1.40 36.02 -27.27
CA GLU B 47 1.38 34.58 -26.99
C GLU B 47 1.05 33.80 -28.25
N ASN B 48 1.39 32.51 -28.20
CA ASN B 48 1.10 31.59 -29.29
C ASN B 48 -0.41 31.46 -29.52
N VAL B 49 -0.80 31.49 -30.80
CA VAL B 49 -2.21 31.40 -31.21
C VAL B 49 -2.42 30.20 -32.11
N TYR B 50 -3.38 29.33 -31.74
CA TYR B 50 -3.74 28.17 -32.53
C TYR B 50 -4.72 28.55 -33.64
N LEU B 51 -4.38 28.22 -34.88
CA LEU B 51 -5.30 28.51 -35.99
C LEU B 51 -6.47 27.52 -36.03
N THR B 52 -6.23 26.25 -35.72
CA THR B 52 -7.29 25.24 -35.69
C THR B 52 -7.18 24.40 -34.41
N GLU B 53 -8.30 24.25 -33.70
CA GLU B 53 -8.35 23.46 -32.48
C GLU B 53 -8.24 21.97 -32.77
N ARG B 54 -7.82 21.22 -31.75
CA ARG B 54 -7.60 19.79 -31.85
C ARG B 54 -8.36 19.05 -30.74
N LYS B 55 -8.59 17.76 -31.00
CA LYS B 55 -9.28 16.88 -30.07
C LYS B 55 -8.66 16.99 -28.69
N LYS B 56 -9.43 17.48 -27.73
CA LYS B 56 -8.98 17.74 -26.37
C LYS B 56 -8.73 16.44 -25.61
N ASN B 57 -7.45 16.08 -25.48
CA ASN B 57 -7.06 14.88 -24.76
C ASN B 57 -7.50 14.98 -23.29
N LYS B 58 -7.52 13.83 -22.63
CA LYS B 58 -7.90 13.77 -21.21
C LYS B 58 -6.98 14.65 -20.34
N SER B 59 -5.76 14.94 -20.83
CA SER B 59 -4.76 15.80 -20.20
C SER B 59 -5.14 17.28 -20.18
N HIS B 60 -6.16 17.71 -20.91
CA HIS B 60 -6.56 19.12 -20.91
C HIS B 60 -6.95 19.60 -19.51
N ARG B 61 -7.55 18.73 -18.69
CA ARG B 61 -7.92 19.05 -17.30
C ARG B 61 -6.72 19.29 -16.38
N ASP B 62 -5.49 19.21 -16.90
CA ASP B 62 -4.25 19.44 -16.14
C ASP B 62 -4.20 20.84 -15.54
N ILE B 63 -4.99 21.78 -16.07
CA ILE B 63 -5.11 23.11 -15.49
C ILE B 63 -5.45 23.00 -14.01
N LYS B 64 -6.27 22.01 -13.67
CA LYS B 64 -6.73 21.68 -12.33
C LYS B 64 -5.80 20.70 -11.61
N ARG B 65 -5.46 19.58 -12.26
CA ARG B 65 -4.63 18.54 -11.66
C ARG B 65 -3.20 18.94 -11.27
N MET B 66 -2.55 19.86 -11.99
CA MET B 66 -1.16 20.16 -11.61
C MET B 66 -0.98 21.08 -10.41
N GLN B 67 -1.62 20.70 -9.31
CA GLN B 67 -1.52 21.39 -8.03
C GLN B 67 -0.12 21.14 -7.46
N CYS B 68 0.68 22.19 -7.26
CA CYS B 68 1.97 21.94 -6.65
C CYS B 68 1.76 21.64 -5.16
N GLU B 69 2.83 21.19 -4.49
CA GLU B 69 2.76 20.86 -3.08
C GLU B 69 3.58 21.80 -2.22
N CYS B 70 3.86 23.01 -2.73
CA CYS B 70 4.62 24.02 -2.03
C CYS B 70 3.90 24.50 -0.77
N THR B 71 4.69 24.89 0.24
CA THR B 71 4.11 25.39 1.48
C THR B 71 3.58 26.81 1.27
N PRO B 72 2.32 27.09 1.59
CA PRO B 72 1.81 28.46 1.48
C PRO B 72 2.65 29.37 2.36
N LEU B 73 3.31 30.35 1.75
CA LEU B 73 4.19 31.21 2.53
C LEU B 73 3.39 32.05 3.51
N SER B 74 3.88 32.14 4.75
CA SER B 74 3.29 32.94 5.80
C SER B 74 3.44 34.43 5.52
N LYS B 75 2.67 35.24 6.25
CA LYS B 75 2.75 36.68 6.11
C LYS B 75 4.17 37.18 6.43
N ASP B 76 4.86 36.50 7.34
CA ASP B 76 6.23 36.87 7.70
C ASP B 76 7.21 36.53 6.59
N GLU B 77 7.19 35.30 6.11
CA GLU B 77 8.09 34.91 5.03
C GLU B 77 7.84 35.73 3.77
N ARG B 78 6.57 35.95 3.43
CA ARG B 78 6.23 36.77 2.26
C ARG B 78 6.62 38.23 2.46
N ALA B 79 6.52 38.75 3.68
CA ALA B 79 6.94 40.13 3.91
C ALA B 79 8.46 40.25 3.84
N GLN B 80 9.18 39.21 4.23
CA GLN B 80 10.64 39.21 4.13
C GLN B 80 11.12 39.11 2.69
N GLY B 81 10.25 38.72 1.75
CA GLY B 81 10.61 38.60 0.35
C GLY B 81 10.94 37.20 -0.14
N GLU B 82 10.67 36.17 0.65
CA GLU B 82 10.99 34.79 0.28
C GLU B 82 10.31 34.40 -1.03
N ILE B 83 10.98 33.52 -1.78
CA ILE B 83 10.58 33.09 -3.12
C ILE B 83 9.53 31.98 -3.10
N ALA B 84 8.26 32.37 -3.12
CA ALA B 84 7.13 31.46 -3.24
C ALA B 84 7.27 30.58 -4.48
N CYS B 85 7.25 29.26 -4.30
CA CYS B 85 7.43 28.31 -5.40
C CYS B 85 8.77 28.50 -6.11
N GLY B 86 9.82 28.58 -5.30
CA GLY B 86 11.19 28.73 -5.76
C GLY B 86 11.76 27.53 -6.48
N GLU B 87 13.09 27.36 -6.38
CA GLU B 87 13.80 26.26 -7.02
C GLU B 87 13.36 24.89 -6.56
N ASP B 88 12.78 24.78 -5.36
CA ASP B 88 12.26 23.52 -4.85
C ASP B 88 10.78 23.32 -5.18
N CYS B 89 10.21 24.17 -6.04
CA CYS B 89 8.82 23.99 -6.44
C CYS B 89 8.70 22.71 -7.27
N LEU B 90 7.85 21.81 -6.80
CA LEU B 90 7.65 20.52 -7.42
C LEU B 90 7.15 20.65 -8.86
N ASN B 91 6.39 21.71 -9.17
CA ASN B 91 5.96 21.98 -10.54
C ASN B 91 7.09 22.57 -11.39
N ARG B 92 7.86 23.50 -10.82
CA ARG B 92 8.98 24.12 -11.53
C ARG B 92 9.96 23.06 -12.01
N LEU B 93 10.31 22.12 -11.15
CA LEU B 93 11.22 21.03 -11.49
C LEU B 93 10.73 20.24 -12.70
N LEU B 94 9.41 20.16 -12.91
CA LEU B 94 8.84 19.43 -14.03
C LEU B 94 8.52 20.35 -15.23
N MET B 95 9.00 21.59 -15.20
CA MET B 95 8.76 22.59 -16.24
C MET B 95 7.27 22.87 -16.48
N ILE B 96 6.47 22.86 -15.41
CA ILE B 96 5.04 23.15 -15.49
C ILE B 96 4.80 24.46 -14.76
N GLU B 97 4.06 25.37 -15.39
CA GLU B 97 3.70 26.61 -14.70
C GLU B 97 2.47 26.42 -13.83
N CYS B 98 2.46 27.10 -12.69
CA CYS B 98 1.31 27.07 -11.78
C CYS B 98 0.10 27.78 -12.38
N SER B 99 -1.09 27.25 -12.12
CA SER B 99 -2.33 27.88 -12.53
C SER B 99 -2.83 28.78 -11.39
N SER B 100 -4.03 29.37 -11.56
CA SER B 100 -4.58 30.22 -10.51
C SER B 100 -4.95 29.44 -9.25
N ARG B 101 -4.91 28.11 -9.31
CA ARG B 101 -5.22 27.22 -8.18
C ARG B 101 -4.01 26.89 -7.32
N CYS B 102 -2.82 27.38 -7.68
CA CYS B 102 -1.64 27.12 -6.90
C CYS B 102 -1.79 27.57 -5.44
N PRO B 103 -1.27 26.80 -4.48
CA PRO B 103 -1.36 27.20 -3.07
C PRO B 103 -0.84 28.60 -2.75
N ASN B 104 0.18 29.06 -3.47
CA ASN B 104 0.75 30.39 -3.26
C ASN B 104 0.04 31.49 -4.04
N GLY B 105 -1.04 31.17 -4.74
CA GLY B 105 -1.81 32.15 -5.48
C GLY B 105 -1.05 33.15 -6.33
N ASP B 106 -1.26 34.44 -6.10
CA ASP B 106 -0.58 35.47 -6.88
C ASP B 106 0.85 35.72 -6.43
N TYR B 107 1.31 35.12 -5.35
CA TYR B 107 2.68 35.33 -4.90
C TYR B 107 3.64 34.39 -5.61
N CYS B 108 3.10 33.31 -6.19
CA CYS B 108 3.85 32.27 -6.88
C CYS B 108 4.74 32.81 -8.00
N SER B 109 6.05 32.61 -7.86
CA SER B 109 7.05 33.02 -8.85
C SER B 109 7.15 32.05 -10.02
N ASN B 110 6.27 31.04 -10.10
CA ASN B 110 6.29 30.04 -11.17
C ASN B 110 5.18 30.28 -12.20
N ARG B 111 4.94 31.56 -12.54
CA ARG B 111 3.93 31.96 -13.51
C ARG B 111 4.52 33.01 -14.46
N ARG B 112 5.79 32.81 -14.83
CA ARG B 112 6.56 33.70 -15.68
C ARG B 112 5.94 33.91 -17.05
N PHE B 113 5.64 32.81 -17.75
CA PHE B 113 5.02 32.88 -19.07
C PHE B 113 3.66 33.57 -19.01
N GLN B 114 2.81 33.15 -18.07
CA GLN B 114 1.48 33.75 -17.94
C GLN B 114 1.53 35.23 -17.56
N ARG B 115 2.54 35.66 -16.80
CA ARG B 115 2.69 37.06 -16.40
C ARG B 115 3.63 37.86 -17.31
N LYS B 116 3.99 37.30 -18.47
CA LYS B 116 4.83 37.94 -19.48
C LYS B 116 6.15 38.48 -18.91
N GLN B 117 6.74 37.77 -17.96
CA GLN B 117 7.95 38.24 -17.31
C GLN B 117 9.23 37.94 -18.10
N HIS B 118 9.25 38.34 -19.37
CA HIS B 118 10.43 38.15 -20.22
C HIS B 118 11.61 39.01 -19.78
N ALA B 119 12.81 38.64 -20.26
CA ALA B 119 14.03 39.38 -20.01
C ALA B 119 14.14 40.62 -20.90
N ASP B 120 15.12 41.46 -20.59
CA ASP B 120 15.45 42.67 -21.37
C ASP B 120 16.41 42.34 -22.52
N VAL B 121 15.95 42.49 -23.78
CA VAL B 121 16.78 42.15 -24.93
C VAL B 121 16.67 43.22 -26.03
N GLU B 122 17.69 43.29 -26.89
CA GLU B 122 17.78 44.22 -28.01
C GLU B 122 18.00 43.51 -29.35
N VAL B 123 17.40 44.03 -30.42
CA VAL B 123 17.56 43.51 -31.78
C VAL B 123 18.67 44.29 -32.51
N ILE B 124 19.73 43.59 -32.96
CA ILE B 124 20.87 44.23 -33.63
C ILE B 124 21.10 43.66 -35.04
N LEU B 125 21.58 44.53 -35.94
CA LEU B 125 22.01 44.14 -37.29
C LEU B 125 23.48 43.70 -37.23
N THR B 126 23.76 42.43 -37.47
CA THR B 126 25.13 41.92 -37.42
C THR B 126 25.88 42.24 -38.72
N GLU B 127 27.21 42.25 -38.61
CA GLU B 127 28.07 42.55 -39.77
C GLU B 127 27.88 41.57 -40.92
N LYS B 128 27.67 40.28 -40.64
CA LYS B 128 27.66 39.30 -41.72
C LYS B 128 26.58 38.23 -41.67
N LYS B 129 25.84 38.07 -40.58
CA LYS B 129 24.79 37.05 -40.46
C LYS B 129 23.37 37.58 -40.61
N GLY B 130 23.19 38.88 -40.76
CA GLY B 130 21.87 39.51 -40.82
C GLY B 130 21.36 39.95 -39.46
N TRP B 131 20.06 39.82 -39.15
CA TRP B 131 19.62 40.25 -37.83
C TRP B 131 19.96 39.24 -36.73
N GLY B 132 20.23 39.77 -35.53
CA GLY B 132 20.53 38.97 -34.36
C GLY B 132 19.94 39.61 -33.10
N LEU B 133 20.02 38.88 -31.98
CA LEU B 133 19.61 39.40 -30.67
C LEU B 133 20.81 39.51 -29.72
N ARG B 134 20.78 40.51 -28.84
CA ARG B 134 21.78 40.65 -27.78
C ARG B 134 21.10 40.93 -26.45
N ALA B 135 21.70 40.46 -25.36
CA ALA B 135 21.18 40.69 -24.02
C ALA B 135 21.29 42.15 -23.62
N ALA B 136 20.22 42.76 -23.10
CA ALA B 136 20.31 44.17 -22.73
C ALA B 136 20.84 44.35 -21.30
N LYS B 137 20.61 43.38 -20.42
CA LYS B 137 21.08 43.37 -19.03
C LYS B 137 21.76 42.03 -18.74
N ASP B 138 22.58 42.00 -17.69
CA ASP B 138 23.22 40.75 -17.30
C ASP B 138 22.15 39.76 -16.84
N LEU B 139 22.15 38.55 -17.41
CA LEU B 139 21.13 37.55 -17.07
C LEU B 139 21.72 36.34 -16.34
N PRO B 140 21.34 36.09 -15.08
CA PRO B 140 21.85 34.92 -14.36
C PRO B 140 21.57 33.63 -15.11
N SER B 141 22.36 32.60 -14.81
CA SER B 141 22.18 31.28 -15.39
C SER B 141 20.80 30.71 -15.05
N ASN B 142 20.29 29.87 -15.96
CA ASN B 142 18.97 29.23 -15.82
C ASN B 142 17.81 30.22 -15.72
N THR B 143 18.00 31.44 -16.22
CA THR B 143 16.98 32.48 -16.23
C THR B 143 16.23 32.50 -17.57
N PHE B 144 14.90 32.62 -17.48
CA PHE B 144 14.03 32.68 -18.66
C PHE B 144 14.26 33.96 -19.48
N VAL B 145 14.32 33.80 -20.80
CA VAL B 145 14.53 34.92 -21.72
C VAL B 145 13.25 35.34 -22.44
N LEU B 146 12.70 34.47 -23.28
CA LEU B 146 11.49 34.81 -24.04
C LEU B 146 10.76 33.55 -24.50
N GLU B 147 9.45 33.70 -24.75
CA GLU B 147 8.66 32.62 -25.34
C GLU B 147 8.72 32.73 -26.86
N TYR B 148 8.77 31.59 -27.55
CA TYR B 148 8.74 31.59 -29.01
C TYR B 148 7.30 31.74 -29.48
N CYS B 149 6.85 32.97 -29.76
CA CYS B 149 5.49 33.21 -30.21
C CYS B 149 5.28 32.97 -31.72
N GLY B 150 4.08 32.52 -32.07
CA GLY B 150 3.74 32.26 -33.45
C GLY B 150 2.38 31.62 -33.61
N GLU B 151 2.11 31.18 -34.84
CA GLU B 151 0.88 30.49 -35.24
C GLU B 151 1.07 28.98 -35.25
N VAL B 152 0.18 28.23 -34.60
CA VAL B 152 0.29 26.77 -34.56
C VAL B 152 -0.41 26.16 -35.78
N LEU B 153 0.33 25.36 -36.55
CA LEU B 153 -0.12 24.71 -37.77
C LEU B 153 -0.11 23.19 -37.66
N ASP B 154 -0.93 22.53 -38.48
CA ASP B 154 -0.91 21.08 -38.61
C ASP B 154 -0.04 20.74 -39.83
N HIS B 155 0.13 19.44 -40.11
CA HIS B 155 0.94 19.03 -41.27
C HIS B 155 0.48 19.60 -42.62
N LYS B 156 -0.82 19.67 -42.89
CA LYS B 156 -1.29 20.18 -44.17
C LYS B 156 -1.08 21.69 -44.29
N GLU B 157 -1.44 22.43 -43.25
CA GLU B 157 -1.24 23.88 -43.23
C GLU B 157 0.25 24.20 -43.23
N PHE B 158 1.04 23.42 -42.49
CA PHE B 158 2.49 23.58 -42.50
C PHE B 158 3.05 23.41 -43.91
N LYS B 159 2.69 22.33 -44.59
CA LYS B 159 3.16 22.12 -45.96
C LYS B 159 2.65 23.20 -46.91
N ALA B 160 1.43 23.68 -46.71
CA ALA B 160 0.88 24.75 -47.53
C ALA B 160 1.70 26.04 -47.37
N ARG B 161 2.07 26.37 -46.12
CA ARG B 161 2.88 27.56 -45.89
C ARG B 161 4.32 27.33 -46.35
N VAL B 162 4.81 26.10 -46.31
CA VAL B 162 6.13 25.80 -46.86
C VAL B 162 6.12 26.02 -48.37
N LYS B 163 5.05 25.57 -49.03
CA LYS B 163 4.88 25.70 -50.47
C LYS B 163 4.74 27.17 -50.89
N GLU B 164 4.17 27.99 -50.00
CA GLU B 164 4.06 29.42 -50.26
C GLU B 164 5.39 30.11 -50.01
N TYR B 165 6.04 29.87 -48.87
CA TYR B 165 7.32 30.50 -48.58
C TYR B 165 8.36 30.08 -49.62
N ALA B 166 8.25 28.86 -50.15
CA ALA B 166 9.11 28.38 -51.23
C ALA B 166 8.79 29.11 -52.52
N ARG B 167 7.52 29.50 -52.70
CA ARG B 167 7.11 30.26 -53.88
C ARG B 167 7.60 31.71 -53.77
N ASN B 168 7.50 32.30 -52.57
CA ASN B 168 7.98 33.64 -52.27
C ASN B 168 9.50 33.70 -52.17
N LYS B 169 10.19 32.55 -52.20
CA LYS B 169 11.66 32.47 -52.12
C LYS B 169 12.27 33.08 -50.84
N ASN B 170 11.61 32.85 -49.72
CA ASN B 170 12.06 33.31 -48.41
C ASN B 170 13.44 32.74 -48.07
N ILE B 171 14.35 33.62 -47.64
CA ILE B 171 15.68 33.20 -47.21
C ILE B 171 15.63 32.69 -45.76
N HIS B 172 14.96 33.41 -44.87
CA HIS B 172 14.82 33.00 -43.47
C HIS B 172 13.58 32.13 -43.26
N TYR B 173 13.71 31.18 -42.33
CA TYR B 173 12.65 30.25 -41.94
C TYR B 173 12.44 30.32 -40.44
N TYR B 174 11.17 30.26 -40.02
CA TYR B 174 10.74 30.41 -38.64
C TYR B 174 9.83 29.28 -38.15
N PHE B 175 10.02 28.06 -38.64
CA PHE B 175 9.24 26.89 -38.22
C PHE B 175 9.90 26.19 -37.02
N MET B 176 9.13 26.00 -35.94
CA MET B 176 9.60 25.34 -34.71
C MET B 176 8.67 24.17 -34.37
N ALA B 177 9.25 22.98 -34.24
CA ALA B 177 8.50 21.74 -33.92
C ALA B 177 8.01 21.73 -32.46
N LEU B 178 6.73 22.03 -32.24
CA LEU B 178 6.18 22.04 -30.89
C LEU B 178 5.89 20.62 -30.37
N LYS B 179 5.06 19.85 -31.09
CA LYS B 179 4.78 18.46 -30.73
C LYS B 179 4.59 17.63 -32.00
N ASN B 180 4.22 16.36 -31.80
CA ASN B 180 4.04 15.41 -32.90
C ASN B 180 3.06 15.90 -33.95
N ASP B 181 2.07 16.70 -33.55
CA ASP B 181 1.07 17.25 -34.47
C ASP B 181 1.05 18.77 -34.54
N GLU B 182 2.05 19.47 -34.00
CA GLU B 182 1.98 20.93 -33.91
C GLU B 182 3.32 21.61 -34.18
N ILE B 183 3.36 22.44 -35.22
CA ILE B 183 4.52 23.25 -35.58
C ILE B 183 4.15 24.72 -35.43
N ILE B 184 4.97 25.48 -34.70
CA ILE B 184 4.77 26.92 -34.53
C ILE B 184 5.44 27.63 -35.70
N ASP B 185 4.71 28.53 -36.34
CA ASP B 185 5.20 29.34 -37.45
C ASP B 185 5.25 30.82 -37.03
N ALA B 186 6.45 31.37 -36.92
CA ALA B 186 6.66 32.78 -36.58
C ALA B 186 6.97 33.67 -37.78
N THR B 187 6.70 33.20 -39.00
CA THR B 187 7.00 33.96 -40.21
C THR B 187 6.15 35.22 -40.33
N GLN B 188 4.85 35.10 -40.12
CA GLN B 188 3.94 36.23 -40.27
C GLN B 188 3.61 36.93 -38.95
N LYS B 189 3.58 36.21 -37.83
CA LYS B 189 3.24 36.78 -36.54
C LYS B 189 4.16 36.19 -35.48
N GLY B 190 4.49 36.99 -34.47
CA GLY B 190 5.38 36.52 -33.41
C GLY B 190 5.92 37.63 -32.52
N ASN B 191 7.12 37.41 -31.99
CA ASN B 191 7.80 38.41 -31.15
C ASN B 191 9.30 38.42 -31.45
N CYS B 192 10.04 39.18 -30.62
CA CYS B 192 11.47 39.39 -30.75
C CYS B 192 12.33 38.13 -30.70
N SER B 193 11.82 37.02 -30.16
CA SER B 193 12.64 35.80 -30.05
C SER B 193 13.07 35.25 -31.42
N ARG B 194 12.31 35.55 -32.47
CA ARG B 194 12.58 35.07 -33.83
C ARG B 194 13.90 35.55 -34.43
N PHE B 195 14.64 36.43 -33.76
CA PHE B 195 15.93 36.91 -34.25
C PHE B 195 17.14 36.27 -33.56
N MET B 196 16.95 35.37 -32.61
CA MET B 196 18.06 34.68 -31.94
C MET B 196 18.76 33.75 -32.94
N ASN B 197 20.07 33.94 -33.11
CA ASN B 197 20.84 33.17 -34.09
C ASN B 197 21.30 31.81 -33.58
N HIS B 198 21.63 30.93 -34.52
CA HIS B 198 22.17 29.60 -34.25
C HIS B 198 23.65 29.62 -33.91
N SER B 199 24.03 28.95 -32.82
CA SER B 199 25.43 28.75 -32.49
C SER B 199 25.69 27.29 -32.14
N CYS B 200 26.80 26.74 -32.65
CA CYS B 200 27.20 25.39 -32.30
C CYS B 200 27.74 25.34 -30.88
N GLU B 201 28.17 26.49 -30.37
CA GLU B 201 28.61 26.68 -28.99
C GLU B 201 27.65 27.73 -28.44
N PRO B 202 26.44 27.31 -28.05
CA PRO B 202 25.42 28.24 -27.59
C PRO B 202 25.58 28.68 -26.15
N ASN B 203 24.83 29.73 -25.83
CA ASN B 203 24.74 30.29 -24.49
C ASN B 203 23.32 30.21 -23.93
N CYS B 204 22.33 29.79 -24.75
CA CYS B 204 20.95 29.62 -24.31
C CYS B 204 20.43 28.30 -24.88
N GLU B 205 19.31 27.83 -24.32
CA GLU B 205 18.66 26.58 -24.72
C GLU B 205 17.14 26.71 -24.70
N THR B 206 16.46 25.76 -25.35
CA THR B 206 15.00 25.71 -25.37
C THR B 206 14.46 24.70 -24.36
N GLN B 207 13.23 24.94 -23.88
CA GLN B 207 12.57 24.04 -22.93
C GLN B 207 11.07 23.96 -23.20
N LYS B 208 10.54 22.73 -23.32
CA LYS B 208 9.12 22.47 -23.59
C LYS B 208 8.24 22.66 -22.34
N TRP B 209 8.06 23.91 -21.91
CA TRP B 209 7.22 24.13 -20.73
C TRP B 209 5.73 23.86 -20.99
N THR B 210 5.02 23.45 -19.94
CA THR B 210 3.58 23.21 -19.96
C THR B 210 2.85 24.35 -19.25
N VAL B 211 1.88 24.96 -19.93
CA VAL B 211 1.11 26.08 -19.37
C VAL B 211 -0.38 25.89 -19.60
N ASN B 212 -1.12 25.61 -18.52
CA ASN B 212 -2.59 25.45 -18.56
C ASN B 212 -3.01 24.34 -19.51
N GLY B 213 -2.29 23.22 -19.49
CA GLY B 213 -2.60 22.12 -20.38
C GLY B 213 -2.27 22.37 -21.83
N GLN B 214 -1.55 23.45 -22.11
CA GLN B 214 -1.14 23.82 -23.47
C GLN B 214 0.38 23.82 -23.49
N LEU B 215 0.98 23.41 -24.60
CA LEU B 215 2.44 23.34 -24.67
C LEU B 215 3.04 24.63 -25.23
N ARG B 216 4.14 25.07 -24.60
CA ARG B 216 4.86 26.28 -24.98
C ARG B 216 6.37 26.02 -25.00
N VAL B 217 7.09 26.79 -25.81
CA VAL B 217 8.55 26.73 -25.92
C VAL B 217 9.15 28.05 -25.45
N GLY B 218 10.19 27.97 -24.63
CA GLY B 218 10.86 29.15 -24.13
C GLY B 218 12.37 28.99 -24.12
N PHE B 219 13.06 30.13 -24.24
CA PHE B 219 14.52 30.20 -24.24
C PHE B 219 15.05 30.47 -22.83
N PHE B 220 16.11 29.75 -22.43
CA PHE B 220 16.71 29.91 -21.12
C PHE B 220 18.23 29.97 -21.20
N THR B 221 18.82 30.81 -20.36
CA THR B 221 20.27 30.94 -20.28
C THR B 221 20.90 29.67 -19.70
N THR B 222 22.07 29.29 -20.21
CA THR B 222 22.77 28.10 -19.75
C THR B 222 23.89 28.47 -18.81
N LYS B 223 24.20 29.76 -18.70
CA LYS B 223 25.26 30.33 -17.88
C LYS B 223 24.91 31.81 -17.73
N LEU B 224 25.64 32.53 -16.89
CA LEU B 224 25.39 33.96 -16.79
C LEU B 224 25.79 34.58 -18.12
N VAL B 225 24.89 35.39 -18.70
CA VAL B 225 25.13 36.05 -19.97
C VAL B 225 25.23 37.56 -19.76
N PRO B 226 26.43 38.15 -19.84
CA PRO B 226 26.59 39.59 -19.67
C PRO B 226 25.90 40.41 -20.75
N SER B 227 25.53 41.63 -20.38
CA SER B 227 24.92 42.58 -21.30
C SER B 227 25.78 42.76 -22.55
N GLY B 228 25.09 43.03 -23.67
CA GLY B 228 25.69 43.21 -24.97
C GLY B 228 26.01 41.93 -25.71
N SER B 229 26.08 40.80 -25.02
CA SER B 229 26.40 39.51 -25.65
C SER B 229 25.27 39.01 -26.55
N GLU B 230 25.65 38.50 -27.72
CA GLU B 230 24.70 37.95 -28.67
C GLU B 230 24.10 36.65 -28.13
N LEU B 231 22.79 36.50 -28.28
CA LEU B 231 22.05 35.33 -27.79
C LEU B 231 21.94 34.27 -28.88
N THR B 232 22.33 33.03 -28.55
CA THR B 232 22.31 31.93 -29.51
C THR B 232 21.98 30.59 -28.85
N PHE B 233 21.34 29.70 -29.61
CA PHE B 233 20.95 28.37 -29.18
C PHE B 233 21.14 27.39 -30.34
N ASP B 234 21.20 26.09 -30.01
CA ASP B 234 21.32 25.02 -31.01
C ASP B 234 19.95 24.73 -31.62
N TYR B 235 19.82 25.00 -32.92
CA TYR B 235 18.54 24.78 -33.61
C TYR B 235 18.19 23.31 -33.86
N GLN B 236 19.17 22.40 -33.98
CA GLN B 236 18.86 21.00 -34.33
C GLN B 236 18.01 20.95 -35.62
N PHE B 237 18.30 21.90 -36.51
CA PHE B 237 17.58 22.22 -37.73
C PHE B 237 17.34 21.05 -38.68
N GLN B 238 16.06 20.70 -38.89
CA GLN B 238 15.62 19.65 -39.82
C GLN B 238 15.60 20.21 -41.25
N ARG B 239 16.79 20.32 -41.84
CA ARG B 239 16.89 20.79 -43.22
C ARG B 239 16.13 19.94 -44.23
N TYR B 240 15.05 20.50 -44.78
CA TYR B 240 14.23 19.84 -45.80
C TYR B 240 14.47 20.40 -47.19
N GLY B 241 14.88 21.66 -47.26
CA GLY B 241 15.16 22.30 -48.53
C GLY B 241 16.24 21.59 -49.33
N LYS B 242 16.16 21.79 -50.65
CA LYS B 242 17.12 21.23 -51.59
C LYS B 242 18.53 21.76 -51.30
N GLU B 243 18.65 23.06 -51.06
CA GLU B 243 19.91 23.73 -50.76
C GLU B 243 20.23 23.62 -49.26
N ALA B 244 21.45 24.06 -48.89
CA ALA B 244 21.95 23.99 -47.52
C ALA B 244 22.30 25.34 -46.93
N GLN B 245 21.69 25.67 -45.79
CA GLN B 245 21.94 26.90 -45.06
C GLN B 245 23.31 26.84 -44.37
N LYS B 246 24.23 27.72 -44.77
CA LYS B 246 25.57 27.75 -44.19
C LYS B 246 25.59 28.19 -42.73
N CYS B 247 26.41 27.53 -41.93
CA CYS B 247 26.61 27.83 -40.51
C CYS B 247 27.67 28.90 -40.30
N PHE B 248 27.35 29.95 -39.54
CA PHE B 248 28.27 31.05 -39.26
C PHE B 248 28.60 31.24 -37.78
N CYS B 249 28.63 30.16 -36.98
CA CYS B 249 28.89 30.30 -35.55
C CYS B 249 30.36 30.57 -35.21
N GLY B 250 31.28 30.30 -36.13
CA GLY B 250 32.70 30.55 -35.95
C GLY B 250 33.46 29.62 -35.02
N SER B 251 32.76 28.91 -34.13
CA SER B 251 33.41 27.98 -33.22
C SER B 251 34.10 26.86 -33.98
N ALA B 252 35.22 26.37 -33.40
CA ALA B 252 35.94 25.25 -34.01
C ALA B 252 35.04 24.04 -34.26
N ASN B 253 34.05 23.81 -33.39
CA ASN B 253 33.10 22.71 -33.50
C ASN B 253 31.94 23.00 -34.47
N CYS B 254 32.13 23.93 -35.41
CA CYS B 254 31.10 24.30 -36.37
C CYS B 254 30.74 23.16 -37.33
N ARG B 255 29.43 22.88 -37.42
CA ARG B 255 28.88 21.84 -38.30
C ARG B 255 28.86 22.22 -39.78
N GLY B 256 29.37 23.38 -40.15
CA GLY B 256 29.41 23.86 -41.52
C GLY B 256 28.09 24.29 -42.13
N TYR B 257 27.00 23.60 -41.79
CA TYR B 257 25.66 23.92 -42.27
C TYR B 257 24.68 23.67 -41.14
N LEU B 258 23.58 24.43 -41.11
CA LEU B 258 22.56 24.13 -40.11
C LEU B 258 21.96 22.77 -40.47
N GLY B 259 22.05 21.82 -39.55
CA GLY B 259 21.59 20.46 -39.80
C GLY B 259 22.60 19.60 -40.54
N GLY B 260 23.78 20.14 -40.83
CA GLY B 260 24.89 19.57 -41.54
C GLY B 260 24.61 19.27 -43.01
N GLU B 261 25.41 18.34 -43.54
CA GLU B 261 25.28 17.91 -44.94
C GLU B 261 24.07 16.99 -45.15
N ASN B 262 23.66 16.28 -44.11
CA ASN B 262 22.53 15.34 -44.15
C ASN B 262 21.20 16.05 -44.38
N ARG B 263 20.57 15.78 -45.53
CA ARG B 263 19.27 16.34 -45.88
C ARG B 263 18.13 15.40 -45.48
N VAL B 264 17.16 15.93 -44.75
CA VAL B 264 15.98 15.17 -44.31
C VAL B 264 14.76 15.58 -45.11
N SER B 265 13.63 14.90 -44.87
CA SER B 265 12.39 15.18 -45.60
C SER B 265 11.74 16.46 -45.10
N GLY D 34 15.94 25.68 -46.12
CA GLY D 34 14.68 25.67 -45.41
C GLY D 34 14.57 24.47 -44.48
N GLY D 35 14.57 24.73 -43.18
CA GLY D 35 14.45 23.65 -42.20
C GLY D 35 13.61 24.06 -41.02
N VAL D 36 13.09 23.05 -40.34
CA VAL D 36 12.30 23.20 -39.12
C VAL D 36 13.21 22.97 -37.93
N MET D 37 13.44 24.00 -37.11
CA MET D 37 14.24 23.76 -35.92
C MET D 37 13.38 23.03 -34.89
N LYS D 38 13.99 22.14 -34.14
CA LYS D 38 13.34 21.40 -33.07
C LYS D 38 13.91 21.75 -31.71
N PRO D 39 13.08 22.00 -30.71
CA PRO D 39 13.59 22.32 -29.38
C PRO D 39 14.18 21.07 -28.73
N HIS D 40 14.82 21.30 -27.58
CA HIS D 40 15.45 20.21 -26.84
C HIS D 40 14.42 19.25 -26.28
N ARG D 41 14.65 17.96 -26.51
CA ARG D 41 13.78 16.91 -26.00
C ARG D 41 13.72 16.97 -24.49
N TYR D 42 12.68 16.38 -23.90
CA TYR D 42 12.63 16.34 -22.45
C TYR D 42 13.78 15.47 -21.95
N ARG D 43 14.40 15.88 -20.85
CA ARG D 43 15.43 15.05 -20.28
C ARG D 43 14.79 13.72 -19.89
N PRO D 44 15.42 12.58 -20.13
CA PRO D 44 14.77 11.31 -19.81
C PRO D 44 14.39 11.23 -18.33
N GLY D 45 13.28 10.53 -18.07
CA GLY D 45 12.70 10.41 -16.75
C GLY D 45 11.89 11.60 -16.27
N THR D 46 12.14 12.81 -16.79
CA THR D 46 11.36 13.97 -16.36
C THR D 46 9.88 13.81 -16.74
N VAL D 47 9.62 13.23 -17.91
CA VAL D 47 8.25 12.94 -18.31
C VAL D 47 7.68 11.85 -17.41
N ALA D 48 8.49 10.86 -17.06
CA ALA D 48 8.06 9.81 -16.14
C ALA D 48 7.55 10.42 -14.84
N LEU D 49 8.30 11.37 -14.28
CA LEU D 49 7.85 12.06 -13.06
C LEU D 49 6.49 12.70 -13.28
N ARG D 50 6.28 13.32 -14.44
CA ARG D 50 4.97 13.92 -14.74
C ARG D 50 3.90 12.83 -14.74
N GLU D 51 4.17 11.68 -15.34
CA GLU D 51 3.23 10.57 -15.29
C GLU D 51 2.97 10.14 -13.84
N ILE D 52 4.01 10.11 -13.00
CA ILE D 52 3.80 9.75 -11.60
C ILE D 52 2.78 10.69 -10.97
N ARG D 53 2.96 12.00 -11.14
CA ARG D 53 2.04 12.96 -10.57
C ARG D 53 0.64 12.80 -11.17
N ARG D 54 0.54 12.71 -12.49
CA ARG D 54 -0.75 12.55 -13.16
C ARG D 54 -1.52 11.35 -12.64
N TYR D 55 -0.92 10.16 -12.66
CA TYR D 55 -1.61 8.97 -12.17
C TYR D 55 -1.84 8.99 -10.66
N GLN D 56 -0.87 9.46 -9.87
CA GLN D 56 -1.09 9.53 -8.42
C GLN D 56 -2.23 10.49 -8.08
N LYS D 57 -2.38 11.58 -8.81
CA LYS D 57 -3.48 12.52 -8.57
C LYS D 57 -4.82 11.89 -8.94
N SER D 58 -4.90 11.30 -10.12
CA SER D 58 -6.14 10.69 -10.58
C SER D 58 -6.51 9.44 -9.78
N THR D 59 -7.77 9.05 -9.93
CA THR D 59 -8.38 7.86 -9.33
C THR D 59 -9.25 7.25 -10.43
N GLU D 60 -8.71 6.22 -11.06
CA GLU D 60 -9.34 5.55 -12.19
C GLU D 60 -8.71 4.18 -12.35
N LEU D 61 -9.31 3.36 -13.21
CA LEU D 61 -8.78 2.03 -13.47
C LEU D 61 -7.58 2.15 -14.40
N LEU D 62 -6.49 1.49 -14.02
CA LEU D 62 -5.24 1.53 -14.78
C LEU D 62 -5.07 0.35 -15.75
N ILE D 63 -5.89 -0.69 -15.63
CA ILE D 63 -5.85 -1.85 -16.53
C ILE D 63 -7.09 -1.83 -17.42
N ARG D 64 -6.90 -2.18 -18.69
CA ARG D 64 -8.02 -2.23 -19.61
C ARG D 64 -9.07 -3.19 -19.04
N LYS D 65 -10.34 -2.80 -19.07
CA LYS D 65 -11.39 -3.60 -18.44
C LYS D 65 -11.64 -4.94 -19.12
N LEU D 66 -11.79 -4.97 -20.45
CA LEU D 66 -12.02 -6.25 -21.12
C LEU D 66 -10.86 -7.21 -20.96
N PRO D 67 -9.61 -6.85 -21.24
CA PRO D 67 -8.50 -7.79 -21.05
C PRO D 67 -8.44 -8.35 -19.63
N PHE D 68 -8.64 -7.50 -18.64
CA PHE D 68 -8.66 -7.95 -17.25
C PHE D 68 -9.81 -8.93 -17.02
N GLN D 69 -10.99 -8.61 -17.55
CA GLN D 69 -12.15 -9.49 -17.39
C GLN D 69 -11.90 -10.86 -18.02
N ARG D 70 -11.26 -10.91 -19.19
CA ARG D 70 -10.91 -12.22 -19.77
C ARG D 70 -9.93 -12.97 -18.87
N LEU D 71 -8.95 -12.28 -18.31
CA LEU D 71 -7.98 -12.92 -17.42
C LEU D 71 -8.71 -13.55 -16.22
N VAL D 72 -9.61 -12.81 -15.59
CA VAL D 72 -10.40 -13.35 -14.49
C VAL D 72 -11.14 -14.60 -14.92
N ARG D 73 -11.83 -14.56 -16.06
CA ARG D 73 -12.56 -15.72 -16.55
C ARG D 73 -11.65 -16.91 -16.86
N GLU D 74 -10.55 -16.67 -17.57
CA GLU D 74 -9.64 -17.75 -17.96
C GLU D 74 -9.10 -18.54 -16.76
N ILE D 75 -8.53 -17.86 -15.76
CA ILE D 75 -8.05 -18.58 -14.59
C ILE D 75 -9.20 -19.21 -13.83
N ALA D 76 -10.38 -18.57 -13.82
CA ALA D 76 -11.51 -19.16 -13.09
C ALA D 76 -11.95 -20.49 -13.71
N GLN D 77 -11.71 -20.68 -15.01
CA GLN D 77 -12.05 -21.96 -15.65
C GLN D 77 -11.22 -23.12 -15.14
N ASP D 78 -10.07 -22.86 -14.51
CA ASP D 78 -9.28 -23.93 -13.93
C ASP D 78 -9.86 -24.42 -12.61
N PHE D 79 -10.77 -23.66 -12.01
CA PHE D 79 -11.39 -24.01 -10.73
C PHE D 79 -12.82 -24.50 -10.87
N LYS D 80 -13.59 -23.95 -11.81
CA LYS D 80 -14.97 -24.39 -12.03
C LYS D 80 -15.35 -24.04 -13.46
N THR D 81 -15.84 -25.04 -14.20
CA THR D 81 -16.24 -24.86 -15.59
C THR D 81 -17.56 -24.10 -15.73
N ASP D 82 -17.64 -23.27 -16.77
CA ASP D 82 -18.83 -22.49 -17.11
C ASP D 82 -19.33 -21.60 -15.95
N LEU D 83 -18.48 -20.68 -15.52
CA LEU D 83 -18.83 -19.74 -14.47
C LEU D 83 -19.42 -18.47 -15.07
N ARG D 84 -19.91 -17.58 -14.20
CA ARG D 84 -20.53 -16.32 -14.60
C ARG D 84 -20.16 -15.29 -13.55
N PHE D 85 -19.87 -14.07 -14.00
CA PHE D 85 -19.41 -13.00 -13.13
C PHE D 85 -20.32 -11.77 -13.19
N GLN D 86 -20.42 -11.05 -12.07
CA GLN D 86 -21.16 -9.79 -12.10
C GLN D 86 -20.20 -8.68 -12.52
N SER D 87 -20.73 -7.49 -12.80
CA SER D 87 -19.82 -6.42 -13.22
C SER D 87 -19.12 -5.82 -12.01
N SER D 88 -19.85 -5.69 -10.91
CA SER D 88 -19.30 -5.21 -9.65
C SER D 88 -18.25 -6.16 -9.08
N ALA D 89 -18.45 -7.47 -9.29
CA ALA D 89 -17.47 -8.46 -8.86
C ALA D 89 -16.14 -8.30 -9.60
N VAL D 90 -16.19 -8.10 -10.91
CA VAL D 90 -14.95 -7.94 -11.68
C VAL D 90 -14.30 -6.62 -11.31
N MET D 91 -15.10 -5.57 -11.14
CA MET D 91 -14.58 -4.28 -10.67
C MET D 91 -13.83 -4.47 -9.35
N ALA D 92 -14.43 -5.18 -8.41
CA ALA D 92 -13.80 -5.42 -7.11
C ALA D 92 -12.47 -6.15 -7.29
N LEU D 93 -12.44 -7.22 -8.08
CA LEU D 93 -11.20 -7.93 -8.34
C LEU D 93 -10.15 -7.00 -8.96
N GLN D 94 -10.58 -6.08 -9.82
CA GLN D 94 -9.67 -5.14 -10.45
C GLN D 94 -9.12 -4.14 -9.42
N GLU D 95 -9.99 -3.58 -8.59
CA GLU D 95 -9.53 -2.65 -7.55
C GLU D 95 -8.51 -3.33 -6.65
N ALA D 96 -8.83 -4.54 -6.16
CA ALA D 96 -7.90 -5.26 -5.30
C ALA D 96 -6.60 -5.57 -6.03
N SER D 97 -6.66 -6.08 -7.26
CA SER D 97 -5.44 -6.41 -8.01
C SER D 97 -4.59 -5.18 -8.29
N GLU D 98 -5.20 -4.07 -8.69
CA GLU D 98 -4.44 -2.85 -8.94
C GLU D 98 -3.86 -2.32 -7.63
N ALA D 99 -4.65 -2.35 -6.56
CA ALA D 99 -4.17 -1.90 -5.26
C ALA D 99 -3.02 -2.77 -4.78
N TYR D 100 -3.12 -4.08 -5.01
CA TYR D 100 -2.04 -5.01 -4.65
C TYR D 100 -0.76 -4.70 -5.41
N LEU D 101 -0.84 -4.53 -6.73
CA LEU D 101 0.35 -4.17 -7.51
C LEU D 101 0.88 -2.81 -7.10
N VAL D 102 -0.01 -1.84 -6.84
CA VAL D 102 0.44 -0.52 -6.39
C VAL D 102 1.21 -0.67 -5.08
N GLY D 103 0.64 -1.39 -4.13
CA GLY D 103 1.31 -1.62 -2.85
C GLY D 103 2.65 -2.33 -3.03
N LEU D 104 2.67 -3.34 -3.91
CA LEU D 104 3.90 -4.07 -4.24
C LEU D 104 4.95 -3.13 -4.83
N PHE D 105 4.59 -2.32 -5.81
CA PHE D 105 5.54 -1.39 -6.42
C PHE D 105 5.99 -0.32 -5.42
N GLU D 106 5.10 0.21 -4.60
CA GLU D 106 5.53 1.19 -3.60
C GLU D 106 6.63 0.60 -2.72
N ASP D 107 6.42 -0.60 -2.19
CA ASP D 107 7.42 -1.25 -1.34
C ASP D 107 8.68 -1.63 -2.12
N THR D 108 8.53 -2.13 -3.34
CA THR D 108 9.69 -2.49 -4.17
C THR D 108 10.52 -1.28 -4.54
N ASN D 109 9.88 -0.12 -4.75
CA ASN D 109 10.63 1.07 -5.11
C ASN D 109 11.63 1.40 -4.01
N LEU D 110 11.22 1.28 -2.75
CA LEU D 110 12.11 1.54 -1.64
C LEU D 110 13.34 0.64 -1.71
N ALA D 111 13.13 -0.64 -2.05
CA ALA D 111 14.25 -1.58 -2.22
C ALA D 111 15.22 -1.14 -3.31
N ALA D 112 14.72 -0.77 -4.49
CA ALA D 112 15.62 -0.31 -5.55
C ALA D 112 16.42 0.90 -5.10
N ILE D 113 15.77 1.84 -4.43
CA ILE D 113 16.44 3.03 -3.91
C ILE D 113 17.48 2.64 -2.88
N HIS D 114 17.12 1.71 -1.99
CA HIS D 114 18.02 1.23 -0.95
C HIS D 114 19.27 0.58 -1.53
N ALA D 115 19.16 -0.08 -2.68
CA ALA D 115 20.32 -0.68 -3.34
C ALA D 115 21.15 0.36 -4.08
N LYS D 116 20.89 1.64 -3.86
CA LYS D 116 21.53 2.76 -4.56
C LYS D 116 21.31 2.64 -6.07
N ARG D 117 20.05 2.45 -6.44
CA ARG D 117 19.61 2.36 -7.82
C ARG D 117 18.31 3.13 -7.98
N VAL D 118 17.95 3.39 -9.23
CA VAL D 118 16.70 4.06 -9.57
C VAL D 118 15.78 3.14 -10.34
N THR D 119 16.31 2.40 -11.31
CA THR D 119 15.49 1.44 -12.06
C THR D 119 15.09 0.27 -11.17
N ILE D 120 13.88 -0.22 -11.37
CA ILE D 120 13.38 -1.37 -10.63
C ILE D 120 13.69 -2.64 -11.43
N MET D 121 14.25 -3.64 -10.75
CA MET D 121 14.64 -4.93 -11.28
C MET D 121 13.79 -6.08 -10.73
N PRO D 122 13.73 -7.21 -11.45
CA PRO D 122 12.92 -8.34 -10.97
C PRO D 122 13.33 -8.81 -9.59
N LYS D 123 14.64 -8.78 -9.32
CA LYS D 123 15.17 -9.14 -8.01
C LYS D 123 14.57 -8.26 -6.92
N ASP D 124 14.26 -7.00 -7.24
CA ASP D 124 13.65 -6.10 -6.25
C ASP D 124 12.25 -6.58 -5.89
N ILE D 125 11.44 -6.94 -6.90
CA ILE D 125 10.10 -7.46 -6.63
C ILE D 125 10.20 -8.73 -5.81
N GLN D 126 11.08 -9.64 -6.21
CA GLN D 126 11.27 -10.90 -5.48
C GLN D 126 11.63 -10.61 -4.03
N LEU D 127 12.52 -9.63 -3.79
CA LEU D 127 12.87 -9.24 -2.43
C LEU D 127 11.65 -8.73 -1.68
N ALA D 128 10.88 -7.84 -2.31
CA ALA D 128 9.72 -7.24 -1.65
C ALA D 128 8.70 -8.31 -1.25
N ARG D 129 8.41 -9.26 -2.14
CA ARG D 129 7.50 -10.34 -1.81
C ARG D 129 8.05 -11.21 -0.68
N ARG D 130 9.35 -11.53 -0.73
CA ARG D 130 10.01 -12.34 0.30
C ARG D 130 10.00 -11.66 1.67
N ILE D 131 10.28 -10.36 1.74
CA ILE D 131 10.23 -9.67 3.04
C ILE D 131 8.80 -9.57 3.52
N ARG D 132 7.87 -9.27 2.61
CA ARG D 132 6.46 -9.17 3.01
C ARG D 132 5.96 -10.48 3.61
N GLY D 133 6.46 -11.62 3.12
CA GLY D 133 6.06 -12.90 3.67
C GLY D 133 5.22 -13.79 2.77
N GLU D 134 5.51 -13.77 1.47
CA GLU D 134 4.76 -14.57 0.51
C GLU D 134 5.61 -15.73 0.01
N ASP E 25 -3.83 -17.09 -24.28
CA ASP E 25 -3.10 -16.57 -23.13
C ASP E 25 -3.49 -15.11 -22.87
N ASN E 26 -4.57 -14.92 -22.12
CA ASN E 26 -5.05 -13.59 -21.79
C ASN E 26 -4.12 -12.85 -20.80
N ILE E 27 -3.16 -13.54 -20.19
CA ILE E 27 -2.20 -12.86 -19.32
C ILE E 27 -1.42 -11.83 -20.13
N GLN E 28 -1.29 -12.05 -21.44
CA GLN E 28 -0.65 -11.09 -22.33
C GLN E 28 -1.50 -9.85 -22.48
N GLY E 29 -2.79 -9.96 -22.14
CA GLY E 29 -3.74 -8.86 -22.16
C GLY E 29 -3.45 -7.78 -21.15
N ILE E 30 -2.72 -8.11 -20.09
CA ILE E 30 -2.26 -7.11 -19.13
C ILE E 30 -1.07 -6.48 -19.82
N THR E 31 -1.33 -5.40 -20.56
CA THR E 31 -0.37 -4.81 -21.48
C THR E 31 0.83 -4.17 -20.79
N LYS E 32 1.86 -3.99 -21.61
CA LYS E 32 3.12 -3.38 -21.18
C LYS E 32 2.90 -2.00 -20.56
N PRO E 33 2.14 -1.10 -21.19
CA PRO E 33 1.88 0.19 -20.56
C PRO E 33 0.99 0.08 -19.34
N ALA E 34 0.10 -0.92 -19.23
CA ALA E 34 -0.72 -1.02 -18.02
C ALA E 34 0.17 -1.30 -16.81
N ILE E 35 1.09 -2.27 -16.95
CA ILE E 35 2.04 -2.57 -15.88
C ILE E 35 2.88 -1.33 -15.59
N ARG E 36 3.33 -0.63 -16.64
CA ARG E 36 4.08 0.61 -16.44
C ARG E 36 3.26 1.60 -15.64
N ARG E 37 2.00 1.76 -16.00
CA ARG E 37 1.10 2.72 -15.36
C ARG E 37 0.92 2.40 -13.88
N LEU E 38 0.74 1.12 -13.55
CA LEU E 38 0.64 0.75 -12.14
C LEU E 38 1.93 1.08 -11.41
N ALA E 39 3.08 0.79 -12.01
CA ALA E 39 4.35 1.16 -11.38
C ALA E 39 4.48 2.67 -11.23
N ARG E 40 3.95 3.44 -12.19
CA ARG E 40 3.94 4.89 -12.09
C ARG E 40 3.10 5.35 -10.90
N ARG E 41 1.93 4.75 -10.70
CA ARG E 41 1.12 5.11 -9.54
C ARG E 41 1.90 4.81 -8.26
N GLY E 42 2.68 3.74 -8.26
CA GLY E 42 3.51 3.38 -7.13
C GLY E 42 4.73 4.27 -6.94
N GLY E 43 4.97 5.24 -7.83
CA GLY E 43 6.10 6.14 -7.69
C GLY E 43 7.41 5.71 -8.33
N VAL E 44 7.38 4.81 -9.30
CA VAL E 44 8.59 4.29 -9.93
C VAL E 44 9.01 5.18 -11.11
N LYS E 45 10.23 5.73 -11.05
CA LYS E 45 10.72 6.61 -12.11
C LYS E 45 11.18 5.84 -13.36
N ARG E 46 11.83 4.69 -13.21
CA ARG E 46 12.34 3.94 -14.35
C ARG E 46 12.11 2.44 -14.14
N ILE E 47 11.64 1.75 -15.18
CA ILE E 47 11.32 0.33 -15.11
C ILE E 47 12.19 -0.46 -16.09
N SER E 48 12.70 -1.60 -15.65
CA SER E 48 13.51 -2.46 -16.51
C SER E 48 12.60 -3.26 -17.46
N GLY E 49 13.21 -4.01 -18.39
CA GLY E 49 12.45 -4.75 -19.37
C GLY E 49 12.06 -6.16 -18.98
N LEU E 50 12.50 -6.60 -17.79
CA LEU E 50 12.20 -7.91 -17.25
C LEU E 50 11.10 -7.86 -16.19
N ILE E 51 10.71 -6.64 -15.80
CA ILE E 51 9.64 -6.41 -14.82
C ILE E 51 8.30 -6.92 -15.33
N TYR E 52 8.02 -6.75 -16.61
CA TYR E 52 6.71 -7.16 -17.17
C TYR E 52 6.41 -8.65 -16.99
N GLU E 53 7.31 -9.54 -17.39
CA GLU E 53 7.07 -10.98 -17.21
C GLU E 53 6.95 -11.37 -15.73
N GLU E 54 7.77 -10.76 -14.86
CA GLU E 54 7.67 -11.02 -13.43
C GLU E 54 6.34 -10.55 -12.88
N THR E 55 5.96 -9.31 -13.18
CA THR E 55 4.69 -8.77 -12.71
C THR E 55 3.53 -9.63 -13.21
N ARG E 56 3.58 -10.06 -14.47
CA ARG E 56 2.53 -10.93 -14.98
C ARG E 56 2.39 -12.17 -14.10
N GLY E 57 3.52 -12.85 -13.82
CA GLY E 57 3.46 -14.03 -12.96
C GLY E 57 2.89 -13.72 -11.58
N VAL E 58 3.36 -12.63 -10.97
CA VAL E 58 2.88 -12.22 -9.65
C VAL E 58 1.38 -11.95 -9.66
N LEU E 59 0.91 -11.18 -10.63
CA LEU E 59 -0.52 -10.87 -10.77
C LEU E 59 -1.34 -12.14 -10.96
N LYS E 60 -0.86 -13.06 -11.81
CA LYS E 60 -1.59 -14.30 -12.04
C LYS E 60 -1.73 -15.08 -10.73
N VAL E 61 -0.63 -15.21 -9.98
CA VAL E 61 -0.66 -15.92 -8.70
C VAL E 61 -1.63 -15.25 -7.71
N PHE E 62 -1.57 -13.92 -7.60
CA PHE E 62 -2.48 -13.19 -6.71
C PHE E 62 -3.93 -13.45 -7.08
N LEU E 63 -4.26 -13.25 -8.36
CA LEU E 63 -5.62 -13.51 -8.84
C LEU E 63 -6.01 -14.97 -8.61
N GLU E 64 -5.12 -15.92 -8.87
CA GLU E 64 -5.46 -17.32 -8.64
C GLU E 64 -5.86 -17.56 -7.19
N ASN E 65 -5.13 -16.98 -6.24
CA ASN E 65 -5.48 -17.18 -4.83
C ASN E 65 -6.84 -16.57 -4.50
N VAL E 66 -7.07 -15.33 -4.94
CA VAL E 66 -8.34 -14.65 -4.67
C VAL E 66 -9.50 -15.38 -5.36
N ILE E 67 -9.33 -15.72 -6.64
CA ILE E 67 -10.39 -16.41 -7.39
C ILE E 67 -10.68 -17.76 -6.76
N ARG E 68 -9.65 -18.54 -6.42
CA ARG E 68 -9.88 -19.85 -5.82
C ARG E 68 -10.78 -19.72 -4.59
N ASP E 69 -10.49 -18.76 -3.71
CA ASP E 69 -11.35 -18.57 -2.54
C ASP E 69 -12.75 -18.07 -2.94
N ALA E 70 -12.83 -17.08 -3.83
CA ALA E 70 -14.13 -16.54 -4.23
C ALA E 70 -15.02 -17.64 -4.83
N VAL E 71 -14.45 -18.44 -5.73
CA VAL E 71 -15.14 -19.57 -6.34
C VAL E 71 -15.57 -20.58 -5.28
N THR E 72 -14.73 -20.79 -4.26
CA THR E 72 -15.11 -21.70 -3.18
C THR E 72 -16.34 -21.17 -2.44
N TYR E 73 -16.37 -19.87 -2.16
CA TYR E 73 -17.56 -19.29 -1.52
C TYR E 73 -18.78 -19.46 -2.42
N THR E 74 -18.62 -19.26 -3.72
CA THR E 74 -19.72 -19.43 -4.66
C THR E 74 -20.25 -20.87 -4.65
N GLU E 75 -19.34 -21.85 -4.77
CA GLU E 75 -19.78 -23.26 -4.74
C GLU E 75 -20.48 -23.57 -3.42
N HIS E 76 -20.02 -23.01 -2.31
CA HIS E 76 -20.69 -23.28 -1.04
C HIS E 76 -22.10 -22.69 -1.04
N ALA E 77 -22.28 -21.52 -1.61
CA ALA E 77 -23.59 -20.89 -1.64
C ALA E 77 -24.57 -21.54 -2.65
N LYS E 78 -24.21 -22.67 -3.25
CA LYS E 78 -25.03 -23.39 -4.23
C LYS E 78 -25.30 -22.57 -5.48
N ARG E 79 -24.61 -21.45 -5.65
CA ARG E 79 -24.77 -20.59 -6.81
C ARG E 79 -23.83 -20.99 -7.95
N LYS E 80 -23.95 -20.26 -9.06
CA LYS E 80 -23.10 -20.41 -10.23
C LYS E 80 -22.40 -19.10 -10.57
N THR E 81 -22.96 -17.97 -10.17
CA THR E 81 -22.40 -16.64 -10.38
C THR E 81 -21.52 -16.23 -9.20
N VAL E 82 -20.48 -15.47 -9.49
CA VAL E 82 -19.58 -14.94 -8.47
C VAL E 82 -20.02 -13.51 -8.20
N THR E 83 -20.59 -13.28 -7.02
CA THR E 83 -21.05 -11.96 -6.63
C THR E 83 -19.87 -11.11 -6.18
N ALA E 84 -20.13 -9.84 -5.92
CA ALA E 84 -19.07 -8.98 -5.43
C ALA E 84 -18.75 -9.31 -3.99
N MET E 85 -19.77 -9.71 -3.21
CA MET E 85 -19.52 -10.12 -1.84
C MET E 85 -18.58 -11.32 -1.77
N ASP E 86 -18.68 -12.25 -2.74
CA ASP E 86 -17.78 -13.40 -2.78
C ASP E 86 -16.32 -12.95 -2.94
N VAL E 87 -16.09 -11.96 -3.80
CA VAL E 87 -14.76 -11.39 -3.98
C VAL E 87 -14.32 -10.65 -2.73
N VAL E 88 -15.21 -9.86 -2.12
CA VAL E 88 -14.85 -9.12 -0.92
C VAL E 88 -14.48 -10.10 0.19
N TYR E 89 -15.27 -11.15 0.39
CA TYR E 89 -14.98 -12.15 1.41
C TYR E 89 -13.64 -12.85 1.14
N ALA E 90 -13.38 -13.25 -0.10
CA ALA E 90 -12.10 -13.88 -0.42
C ALA E 90 -10.94 -12.93 -0.13
N LEU E 91 -11.11 -11.65 -0.46
CA LEU E 91 -10.08 -10.65 -0.20
C LEU E 91 -9.91 -10.42 1.30
N LYS E 92 -11.01 -10.41 2.05
CA LYS E 92 -10.95 -10.26 3.49
C LYS E 92 -10.18 -11.41 4.11
N ARG E 93 -10.42 -12.63 3.61
CA ARG E 93 -9.68 -13.79 4.10
C ARG E 93 -8.20 -13.67 3.77
N GLN E 94 -7.86 -13.24 2.55
CA GLN E 94 -6.46 -13.01 2.22
C GLN E 94 -5.83 -11.96 3.13
N GLY E 95 -6.64 -11.15 3.81
CA GLY E 95 -6.15 -10.10 4.68
C GLY E 95 -6.04 -8.74 4.04
N ARG E 96 -6.81 -8.49 2.99
CA ARG E 96 -6.89 -7.20 2.31
C ARG E 96 -8.37 -6.84 2.18
N THR E 97 -8.93 -6.16 3.17
CA THR E 97 -10.33 -5.79 3.07
C THR E 97 -10.48 -4.73 2.00
N LEU E 98 -11.59 -4.79 1.28
CA LEU E 98 -11.88 -3.86 0.18
C LEU E 98 -13.19 -3.14 0.47
N TYR E 99 -13.15 -1.81 0.47
CA TYR E 99 -14.32 -0.99 0.77
C TYR E 99 -14.92 -0.42 -0.50
N GLY E 100 -16.24 -0.49 -0.61
CA GLY E 100 -16.99 0.07 -1.72
C GLY E 100 -17.97 -0.89 -2.34
N PHE E 101 -17.62 -2.18 -2.34
CA PHE E 101 -18.44 -3.22 -2.93
C PHE E 101 -19.25 -3.98 -1.90
N GLY E 102 -19.46 -3.41 -0.71
CA GLY E 102 -20.18 -4.10 0.34
C GLY E 102 -21.68 -3.98 0.23
N ARG F 17 -31.13 -51.98 29.69
CA ARG F 17 -31.04 -50.98 28.63
C ARG F 17 -30.10 -51.42 27.50
N ALA F 18 -29.41 -50.46 26.87
CA ALA F 18 -28.46 -50.74 25.79
C ALA F 18 -27.10 -50.14 26.11
N LYS F 19 -26.05 -50.76 25.57
CA LYS F 19 -24.69 -50.29 25.76
C LYS F 19 -24.50 -48.92 25.12
N ALA F 20 -23.36 -48.27 25.40
CA ALA F 20 -23.10 -46.93 24.86
C ALA F 20 -21.60 -46.73 24.55
N LYS F 21 -21.26 -46.83 23.25
CA LYS F 21 -19.89 -46.58 22.81
C LYS F 21 -19.75 -45.13 22.37
N THR F 22 -18.52 -44.63 22.31
CA THR F 22 -18.29 -43.21 22.03
C THR F 22 -18.38 -42.93 20.55
N ARG F 23 -18.83 -41.71 20.22
CA ARG F 23 -19.04 -41.32 18.83
C ARG F 23 -17.73 -41.40 18.07
N SER F 24 -16.59 -41.25 18.77
CA SER F 24 -15.30 -41.39 18.11
C SER F 24 -15.14 -42.81 17.56
N SER F 25 -15.58 -43.79 18.35
CA SER F 25 -15.53 -45.20 17.95
C SER F 25 -16.43 -45.45 16.74
N ARG F 26 -17.63 -44.88 16.76
CA ARG F 26 -18.56 -45.01 15.64
C ARG F 26 -17.98 -44.35 14.39
N ALA F 27 -17.28 -43.22 14.53
CA ALA F 27 -16.67 -42.56 13.40
C ALA F 27 -15.36 -43.19 12.98
N GLY F 28 -14.72 -43.97 13.86
CA GLY F 28 -13.44 -44.57 13.55
C GLY F 28 -12.29 -43.60 13.70
N LEU F 29 -12.44 -42.65 14.60
CA LEU F 29 -11.46 -41.62 14.89
C LEU F 29 -10.89 -41.81 16.29
N GLN F 30 -9.71 -41.23 16.50
CA GLN F 30 -9.06 -41.23 17.80
C GLN F 30 -9.26 -39.92 18.53
N PHE F 31 -9.40 -38.81 17.80
CA PHE F 31 -9.69 -37.55 18.46
C PHE F 31 -11.14 -37.59 18.93
N PRO F 32 -11.48 -36.81 19.95
CA PRO F 32 -12.84 -36.88 20.49
C PRO F 32 -13.85 -36.17 19.61
N VAL F 33 -15.08 -36.69 19.63
CA VAL F 33 -16.17 -36.09 18.90
C VAL F 33 -17.06 -35.29 19.86
N GLY F 34 -17.36 -35.88 21.02
CA GLY F 34 -18.19 -35.19 21.99
C GLY F 34 -17.59 -33.89 22.47
N ARG F 35 -16.28 -33.87 22.71
CA ARG F 35 -15.59 -32.64 23.14
C ARG F 35 -15.63 -31.58 22.03
N VAL F 36 -15.39 -31.97 20.78
CA VAL F 36 -15.46 -31.01 19.67
C VAL F 36 -16.88 -30.46 19.57
N HIS F 37 -17.88 -31.32 19.69
CA HIS F 37 -19.28 -30.92 19.63
C HIS F 37 -19.62 -29.91 20.74
N ARG F 38 -19.16 -30.17 21.97
CA ARG F 38 -19.38 -29.21 23.06
C ARG F 38 -18.71 -27.87 22.78
N LEU F 39 -17.47 -27.86 22.30
CA LEU F 39 -16.80 -26.58 22.05
C LEU F 39 -17.53 -25.76 20.98
N LEU F 40 -18.08 -26.40 19.94
CA LEU F 40 -18.83 -25.64 18.94
C LEU F 40 -20.11 -25.03 19.54
N ARG F 41 -20.88 -25.81 20.31
CA ARG F 41 -22.09 -25.28 20.94
C ARG F 41 -21.81 -24.27 22.05
N LYS F 42 -20.70 -24.42 22.77
CA LYS F 42 -20.31 -23.54 23.87
C LYS F 42 -19.17 -22.59 23.47
N GLY F 43 -19.14 -22.17 22.22
CA GLY F 43 -18.15 -21.23 21.72
C GLY F 43 -18.79 -20.14 20.87
N ASN F 44 -20.10 -20.20 20.72
CA ASN F 44 -20.89 -19.23 19.96
C ASN F 44 -20.40 -19.04 18.52
N TYR F 45 -20.32 -20.15 17.81
CA TYR F 45 -19.97 -20.14 16.40
C TYR F 45 -21.23 -20.11 15.56
N SER F 46 -22.31 -20.67 16.06
CA SER F 46 -23.58 -20.64 15.33
C SER F 46 -24.69 -21.01 16.32
N GLU F 47 -25.93 -20.79 15.89
CA GLU F 47 -27.06 -21.14 16.74
C GLU F 47 -27.24 -22.65 16.85
N ARG F 48 -27.04 -23.35 15.73
CA ARG F 48 -27.18 -24.80 15.64
C ARG F 48 -25.90 -25.45 15.12
N VAL F 49 -25.65 -26.70 15.53
CA VAL F 49 -24.50 -27.44 15.04
C VAL F 49 -25.00 -28.77 14.49
N GLY F 50 -24.62 -29.06 13.24
CA GLY F 50 -25.05 -30.28 12.60
C GLY F 50 -24.42 -31.50 13.21
N ALA F 51 -25.04 -32.65 12.97
CA ALA F 51 -24.55 -33.88 13.58
C ALA F 51 -23.36 -34.46 12.81
N GLY F 52 -22.95 -33.81 11.72
CA GLY F 52 -21.80 -34.23 10.94
C GLY F 52 -20.65 -33.26 11.03
N ALA F 53 -20.92 -32.05 11.53
CA ALA F 53 -19.88 -31.05 11.70
C ALA F 53 -18.80 -31.50 12.68
N PRO F 54 -19.12 -31.98 13.88
CA PRO F 54 -18.06 -32.40 14.80
C PRO F 54 -17.32 -33.64 14.30
N VAL F 55 -18.02 -34.58 13.68
CA VAL F 55 -17.35 -35.77 13.14
C VAL F 55 -16.33 -35.37 12.09
N TYR F 56 -16.76 -34.57 11.11
CA TYR F 56 -15.88 -34.11 10.05
C TYR F 56 -14.73 -33.27 10.59
N LEU F 57 -15.02 -32.36 11.51
CA LEU F 57 -13.99 -31.49 12.08
C LEU F 57 -12.98 -32.31 12.88
N ALA F 58 -13.45 -33.26 13.68
CA ALA F 58 -12.56 -34.11 14.46
C ALA F 58 -11.63 -34.89 13.55
N ALA F 59 -12.17 -35.43 12.46
CA ALA F 59 -11.35 -36.16 11.49
C ALA F 59 -10.28 -35.27 10.88
N VAL F 60 -10.64 -34.03 10.52
CA VAL F 60 -9.67 -33.11 9.93
C VAL F 60 -8.58 -32.74 10.94
N LEU F 61 -8.98 -32.43 12.17
CA LEU F 61 -8.00 -32.10 13.21
C LEU F 61 -7.06 -33.28 13.44
N GLU F 62 -7.62 -34.49 13.56
CA GLU F 62 -6.80 -35.69 13.75
C GLU F 62 -5.84 -35.88 12.57
N TYR F 63 -6.32 -35.72 11.34
CA TYR F 63 -5.44 -35.85 10.18
C TYR F 63 -4.30 -34.84 10.22
N LEU F 64 -4.60 -33.59 10.56
CA LEU F 64 -3.55 -32.57 10.66
C LEU F 64 -2.55 -32.95 11.74
N THR F 65 -3.04 -33.45 12.87
CA THR F 65 -2.17 -33.91 13.95
C THR F 65 -1.27 -35.06 13.50
N ALA F 66 -1.84 -36.03 12.78
CA ALA F 66 -1.04 -37.16 12.28
C ALA F 66 -0.02 -36.68 11.24
N GLU F 67 -0.43 -35.78 10.36
CA GLU F 67 0.46 -35.25 9.33
C GLU F 67 1.69 -34.55 9.90
N ILE F 68 1.51 -33.76 10.96
CA ILE F 68 2.65 -33.09 11.60
C ILE F 68 3.47 -34.08 12.44
N LEU F 69 2.82 -34.98 13.18
CA LEU F 69 3.57 -35.93 14.00
C LEU F 69 4.42 -36.85 13.12
N GLU F 70 3.93 -37.21 11.93
CA GLU F 70 4.72 -38.02 11.01
C GLU F 70 6.07 -37.37 10.74
N LEU F 71 6.03 -36.09 10.34
CA LEU F 71 7.25 -35.32 10.09
C LEU F 71 8.08 -35.12 11.36
N ALA F 72 7.42 -34.92 12.50
CA ALA F 72 8.12 -34.77 13.78
C ALA F 72 8.90 -36.03 14.15
N GLY F 73 8.29 -37.20 14.01
CA GLY F 73 8.98 -38.45 14.31
C GLY F 73 10.18 -38.67 13.41
N ASN F 74 10.04 -38.35 12.12
CA ASN F 74 11.15 -38.46 11.19
C ASN F 74 12.29 -37.52 11.59
N ALA F 75 11.98 -36.29 11.97
CA ALA F 75 13.00 -35.36 12.42
C ALA F 75 13.73 -35.91 13.64
N ALA F 76 13.00 -36.55 14.55
CA ALA F 76 13.60 -37.15 15.74
C ALA F 76 14.65 -38.19 15.36
N ARG F 77 14.35 -39.03 14.36
CA ARG F 77 15.32 -40.02 13.89
C ARG F 77 16.55 -39.34 13.30
N ASP F 78 16.36 -38.28 12.53
CA ASP F 78 17.48 -37.58 11.93
C ASP F 78 18.41 -37.01 12.99
N ASN F 79 17.88 -36.56 14.13
CA ASN F 79 18.72 -36.06 15.22
C ASN F 79 19.10 -37.16 16.21
N LYS F 80 18.81 -38.43 15.90
CA LYS F 80 19.11 -39.58 16.75
C LYS F 80 18.54 -39.47 18.16
N LYS F 81 17.24 -39.14 18.23
CA LYS F 81 16.53 -39.00 19.49
C LYS F 81 15.30 -39.90 19.45
N THR F 82 14.71 -40.12 20.62
CA THR F 82 13.52 -40.96 20.79
C THR F 82 12.25 -40.16 21.08
N ARG F 83 12.35 -39.09 21.85
CA ARG F 83 11.20 -38.25 22.14
C ARG F 83 11.10 -37.08 21.16
N ILE F 84 9.90 -36.50 21.10
CA ILE F 84 9.63 -35.34 20.28
C ILE F 84 9.76 -34.12 21.18
N ILE F 85 10.56 -33.16 20.74
CA ILE F 85 10.83 -31.92 21.44
C ILE F 85 10.41 -30.76 20.55
N PRO F 86 10.20 -29.58 21.12
CA PRO F 86 9.74 -28.43 20.32
C PRO F 86 10.58 -28.20 19.06
N ARG F 87 11.89 -28.43 19.12
CA ARG F 87 12.73 -28.28 17.94
C ARG F 87 12.28 -29.19 16.81
N HIS F 88 11.88 -30.42 17.13
CA HIS F 88 11.43 -31.36 16.09
C HIS F 88 10.16 -30.84 15.41
N LEU F 89 9.22 -30.30 16.18
CA LEU F 89 8.02 -29.72 15.59
C LEU F 89 8.39 -28.55 14.69
N GLN F 90 9.31 -27.69 15.13
CA GLN F 90 9.77 -26.55 14.34
C GLN F 90 10.40 -27.00 13.03
N LEU F 91 11.28 -28.00 13.08
CA LEU F 91 11.91 -28.55 11.88
C LEU F 91 10.87 -29.15 10.94
N ALA F 92 9.97 -29.97 11.48
CA ALA F 92 8.90 -30.59 10.70
C ALA F 92 8.03 -29.56 9.99
N ILE F 93 7.58 -28.53 10.71
CA ILE F 93 6.75 -27.49 10.12
C ILE F 93 7.50 -26.66 9.07
N ARG F 94 8.69 -26.19 9.39
CA ARG F 94 9.40 -25.34 8.41
C ARG F 94 10.00 -26.11 7.24
N ASN F 95 10.15 -27.44 7.32
CA ASN F 95 10.67 -28.16 6.15
C ASN F 95 9.59 -28.66 5.20
N ASP F 96 8.30 -28.61 5.58
CA ASP F 96 7.22 -29.02 4.71
C ASP F 96 6.56 -27.75 4.20
N GLU F 97 6.52 -27.56 2.88
CA GLU F 97 6.02 -26.31 2.30
C GLU F 97 4.53 -26.07 2.54
N GLU F 98 3.70 -27.13 2.48
CA GLU F 98 2.27 -26.92 2.70
C GLU F 98 1.95 -26.58 4.16
N LEU F 99 2.54 -27.29 5.13
CA LEU F 99 2.35 -26.88 6.52
C LEU F 99 3.00 -25.52 6.78
N ASN F 100 4.13 -25.23 6.14
CA ASN F 100 4.78 -23.95 6.32
C ASN F 100 3.85 -22.80 6.00
N LYS F 101 3.17 -22.86 4.86
CA LYS F 101 2.24 -21.80 4.47
C LYS F 101 1.07 -21.72 5.45
N LEU F 102 0.67 -22.84 6.04
CA LEU F 102 -0.39 -22.85 7.04
C LEU F 102 0.05 -22.24 8.36
N LEU F 103 1.32 -22.39 8.74
CA LEU F 103 1.85 -21.91 10.01
C LEU F 103 2.98 -20.91 9.82
N GLY F 104 2.91 -20.08 8.78
CA GLY F 104 3.98 -19.15 8.47
C GLY F 104 4.08 -17.94 9.38
N ARG F 105 3.09 -17.72 10.25
CA ARG F 105 3.04 -16.60 11.17
C ARG F 105 2.75 -17.11 12.58
N VAL F 106 3.36 -18.26 12.91
CA VAL F 106 3.28 -18.90 14.22
C VAL F 106 4.68 -19.06 14.79
N THR F 107 4.83 -18.69 16.05
CA THR F 107 6.09 -18.81 16.80
C THR F 107 5.93 -19.96 17.78
N ILE F 108 6.89 -20.88 17.78
CA ILE F 108 6.87 -22.03 18.67
C ILE F 108 7.90 -21.83 19.77
N ALA F 109 7.46 -21.95 21.02
CA ALA F 109 8.34 -21.74 22.16
C ALA F 109 9.46 -22.77 22.21
N GLN F 110 10.67 -22.31 22.55
CA GLN F 110 11.85 -23.17 22.63
C GLN F 110 12.08 -23.95 21.33
N GLY F 111 11.72 -23.38 20.18
CA GLY F 111 11.81 -24.10 18.93
C GLY F 111 12.95 -23.77 17.98
N GLY F 112 13.54 -22.58 18.10
CA GLY F 112 14.63 -22.20 17.21
C GLY F 112 14.19 -21.97 15.77
N VAL F 113 15.15 -22.09 14.85
CA VAL F 113 14.92 -21.89 13.43
C VAL F 113 15.56 -23.01 12.62
N LEU F 114 15.55 -22.89 11.29
CA LEU F 114 16.20 -23.86 10.42
C LEU F 114 17.66 -23.50 10.15
N PRO F 115 18.54 -24.49 10.04
CA PRO F 115 19.93 -24.19 9.67
C PRO F 115 19.91 -23.57 8.29
N ASN F 116 20.35 -22.32 8.17
CA ASN F 116 20.24 -21.63 6.90
C ASN F 116 21.23 -20.48 6.79
N ILE F 117 22.14 -20.58 5.82
CA ILE F 117 23.14 -19.56 5.54
C ILE F 117 22.99 -19.14 4.08
N GLN F 118 22.91 -17.84 3.81
CA GLN F 118 22.79 -17.38 2.43
C GLN F 118 24.09 -17.64 1.67
N ALA F 119 23.94 -17.96 0.38
CA ALA F 119 25.07 -18.37 -0.47
C ALA F 119 26.14 -17.31 -0.70
N VAL F 120 25.89 -16.04 -0.37
CA VAL F 120 26.91 -15.01 -0.57
C VAL F 120 27.80 -14.80 0.66
N LEU F 121 27.39 -15.28 1.83
CA LEU F 121 28.12 -15.05 3.07
C LEU F 121 29.36 -15.91 3.26
N LEU F 122 29.47 -17.07 2.61
CA LEU F 122 30.64 -17.93 2.81
C LEU F 122 31.47 -18.06 1.53
N PRO F 123 32.81 -18.10 1.64
CA PRO F 123 33.65 -18.16 0.45
C PRO F 123 33.66 -19.54 -0.21
N SER G 33 -8.95 -27.82 40.00
CA SER G 33 -10.08 -28.19 39.14
C SER G 33 -9.59 -28.93 37.90
N ARG G 34 -10.44 -29.82 37.40
CA ARG G 34 -10.12 -30.57 36.19
C ARG G 34 -10.10 -29.60 35.01
N LYS G 35 -9.06 -29.70 34.17
CA LYS G 35 -8.86 -28.77 33.06
C LYS G 35 -8.82 -29.48 31.72
N GLU G 36 -9.39 -28.79 30.71
CA GLU G 36 -9.49 -29.27 29.35
C GLU G 36 -8.13 -29.42 28.68
N SER G 37 -8.02 -30.39 27.77
CA SER G 37 -6.75 -30.62 27.08
C SER G 37 -6.99 -31.53 25.87
N TYR G 38 -5.90 -31.81 25.13
CA TYR G 38 -5.84 -32.77 24.04
C TYR G 38 -4.63 -33.71 24.13
N SER G 39 -3.91 -33.68 25.25
CA SER G 39 -2.71 -34.50 25.45
C SER G 39 -2.96 -35.99 25.22
N VAL G 40 -3.99 -36.57 25.85
CA VAL G 40 -4.26 -37.99 25.67
C VAL G 40 -4.57 -38.35 24.22
N TYR G 41 -5.30 -37.48 23.52
CA TYR G 41 -5.62 -37.76 22.12
C TYR G 41 -4.39 -37.64 21.22
N VAL G 42 -3.57 -36.63 21.44
CA VAL G 42 -2.33 -36.48 20.67
C VAL G 42 -1.43 -37.69 20.91
N TYR G 43 -1.39 -38.17 22.15
CA TYR G 43 -0.60 -39.35 22.49
C TYR G 43 -1.11 -40.59 21.76
N LYS G 44 -2.44 -40.80 21.75
CA LYS G 44 -3.03 -41.94 21.03
C LYS G 44 -2.70 -41.89 19.53
N VAL G 45 -2.79 -40.70 18.93
CA VAL G 45 -2.43 -40.58 17.51
C VAL G 45 -0.94 -40.87 17.34
N LEU G 46 -0.10 -40.33 18.23
CA LEU G 46 1.32 -40.58 18.15
C LEU G 46 1.59 -42.08 18.16
N LYS G 47 0.98 -42.81 19.10
CA LYS G 47 1.16 -44.25 19.16
C LYS G 47 0.75 -44.94 17.86
N GLN G 48 -0.17 -44.34 17.09
CA GLN G 48 -0.52 -44.97 15.81
C GLN G 48 0.49 -44.64 14.70
N VAL G 49 0.89 -43.39 14.56
CA VAL G 49 1.84 -43.03 13.51
C VAL G 49 3.28 -43.45 13.85
N HIS G 50 3.63 -43.55 15.13
CA HIS G 50 4.95 -44.01 15.56
C HIS G 50 4.78 -44.82 16.84
N PRO G 51 4.75 -46.15 16.74
CA PRO G 51 4.57 -46.98 17.93
C PRO G 51 5.68 -46.86 18.96
N ASP G 52 6.88 -46.42 18.58
CA ASP G 52 8.00 -46.32 19.52
C ASP G 52 8.65 -44.94 19.39
N THR G 53 7.99 -43.93 19.96
CA THR G 53 8.46 -42.55 19.97
C THR G 53 7.69 -41.79 21.05
N GLY G 54 8.43 -41.10 21.93
CA GLY G 54 7.82 -40.31 22.98
C GLY G 54 7.65 -38.85 22.58
N ILE G 55 7.13 -38.07 23.54
CA ILE G 55 6.93 -36.63 23.34
C ILE G 55 7.06 -35.93 24.70
N SER G 56 7.71 -34.76 24.71
CA SER G 56 7.95 -34.05 25.96
C SER G 56 6.78 -33.12 26.29
N SER G 57 6.71 -32.68 27.54
CA SER G 57 5.62 -31.80 27.98
C SER G 57 5.58 -30.47 27.23
N LYS G 58 6.74 -29.91 26.89
CA LYS G 58 6.77 -28.68 26.08
C LYS G 58 6.17 -28.93 24.69
N ALA G 59 6.58 -30.02 24.06
CA ALA G 59 6.03 -30.37 22.76
C ALA G 59 4.53 -30.65 22.85
N MET G 60 4.10 -31.36 23.89
CA MET G 60 2.68 -31.61 24.08
C MET G 60 1.91 -30.29 24.25
N GLY G 61 2.50 -29.33 24.97
CA GLY G 61 1.88 -28.02 25.12
C GLY G 61 1.71 -27.34 23.78
N ILE G 62 2.73 -27.46 22.92
CA ILE G 62 2.66 -26.91 21.57
C ILE G 62 1.54 -27.59 20.79
N MET G 63 1.44 -28.91 20.89
CA MET G 63 0.37 -29.65 20.22
C MET G 63 -1.02 -29.20 20.70
N ASN G 64 -1.20 -28.98 22.01
CA ASN G 64 -2.47 -28.47 22.51
C ASN G 64 -2.77 -27.09 21.91
N SER G 65 -1.75 -26.23 21.84
CA SER G 65 -1.95 -24.91 21.22
C SER G 65 -2.32 -25.05 19.74
N PHE G 66 -1.65 -25.94 19.03
CA PHE G 66 -1.92 -26.18 17.61
C PHE G 66 -3.34 -26.71 17.37
N VAL G 67 -3.77 -27.69 18.16
CA VAL G 67 -5.14 -28.21 18.01
C VAL G 67 -6.16 -27.11 18.29
N ASN G 68 -5.98 -26.35 19.38
CA ASN G 68 -6.91 -25.26 19.67
C ASN G 68 -6.88 -24.19 18.57
N ASP G 69 -5.70 -23.83 18.07
CA ASP G 69 -5.59 -22.79 17.05
C ASP G 69 -6.30 -23.19 15.76
N ILE G 70 -6.01 -24.39 15.24
CA ILE G 70 -6.70 -24.86 14.03
C ILE G 70 -8.20 -24.97 14.28
N PHE G 71 -8.59 -25.45 15.45
CA PHE G 71 -10.02 -25.54 15.77
C PHE G 71 -10.69 -24.17 15.75
N GLU G 72 -10.05 -23.17 16.35
CA GLU G 72 -10.61 -21.82 16.36
C GLU G 72 -10.69 -21.26 14.94
N ARG G 73 -9.67 -21.47 14.11
CA ARG G 73 -9.71 -20.96 12.76
C ARG G 73 -10.82 -21.61 11.95
N ILE G 74 -10.88 -22.95 11.94
CA ILE G 74 -11.91 -23.65 11.17
C ILE G 74 -13.31 -23.28 11.67
N ALA G 75 -13.54 -23.33 12.98
CA ALA G 75 -14.86 -22.99 13.52
C ALA G 75 -15.22 -21.55 13.21
N GLY G 76 -14.25 -20.62 13.33
CA GLY G 76 -14.51 -19.23 13.02
C GLY G 76 -14.91 -19.03 11.56
N GLU G 77 -14.18 -19.67 10.66
CA GLU G 77 -14.50 -19.59 9.23
C GLU G 77 -15.84 -20.24 8.94
N ALA G 78 -16.14 -21.38 9.55
CA ALA G 78 -17.45 -22.00 9.35
C ALA G 78 -18.55 -21.06 9.82
N SER G 79 -18.31 -20.36 10.95
CA SER G 79 -19.28 -19.39 11.44
C SER G 79 -19.49 -18.26 10.45
N ARG G 80 -18.39 -17.77 9.90
CA ARG G 80 -18.43 -16.72 8.89
C ARG G 80 -19.20 -17.16 7.64
N LEU G 81 -18.97 -18.39 7.18
CA LEU G 81 -19.70 -18.93 6.04
C LEU G 81 -21.19 -19.08 6.36
N ALA G 82 -21.52 -19.60 7.54
CA ALA G 82 -22.93 -19.76 7.92
C ALA G 82 -23.62 -18.39 7.97
N HIS G 83 -22.96 -17.39 8.54
CA HIS G 83 -23.54 -16.05 8.66
C HIS G 83 -23.68 -15.35 7.30
N TYR G 84 -22.70 -15.51 6.39
CA TYR G 84 -22.82 -14.89 5.08
C TYR G 84 -24.00 -15.44 4.28
N ASN G 85 -24.28 -16.72 4.40
CA ASN G 85 -25.37 -17.35 3.67
C ASN G 85 -26.69 -17.29 4.43
N LYS G 86 -26.74 -16.50 5.50
CA LYS G 86 -27.92 -16.30 6.34
C LYS G 86 -28.51 -17.62 6.86
N ARG G 87 -27.62 -18.55 7.21
CA ARG G 87 -28.02 -19.82 7.79
C ARG G 87 -27.78 -19.76 9.30
N SER G 88 -28.32 -20.75 10.01
CA SER G 88 -28.13 -20.83 11.45
C SER G 88 -27.38 -22.07 11.89
N THR G 89 -27.30 -23.10 11.03
CA THR G 89 -26.65 -24.37 11.35
C THR G 89 -25.32 -24.53 10.63
N ILE G 90 -24.27 -24.86 11.39
CA ILE G 90 -22.98 -25.20 10.80
C ILE G 90 -22.98 -26.71 10.60
N THR G 91 -22.86 -27.17 9.36
CA THR G 91 -22.88 -28.61 9.07
C THR G 91 -21.54 -29.04 8.50
N SER G 92 -21.41 -30.34 8.23
CA SER G 92 -20.19 -30.87 7.65
C SER G 92 -19.85 -30.16 6.35
N ARG G 93 -20.85 -29.71 5.60
CA ARG G 93 -20.62 -29.01 4.34
C ARG G 93 -19.88 -27.69 4.59
N GLU G 94 -20.34 -26.90 5.57
CA GLU G 94 -19.62 -25.67 5.91
C GLU G 94 -18.21 -25.98 6.36
N ILE G 95 -18.02 -27.00 7.21
CA ILE G 95 -16.68 -27.33 7.66
C ILE G 95 -15.81 -27.65 6.45
N GLN G 96 -16.34 -28.46 5.54
CA GLN G 96 -15.62 -28.83 4.32
C GLN G 96 -15.18 -27.58 3.54
N THR G 97 -16.07 -26.62 3.37
CA THR G 97 -15.71 -25.38 2.68
C THR G 97 -14.66 -24.59 3.46
N ALA G 98 -14.84 -24.46 4.78
CA ALA G 98 -13.85 -23.76 5.59
C ALA G 98 -12.49 -24.42 5.49
N VAL G 99 -12.45 -25.75 5.56
CA VAL G 99 -11.21 -26.52 5.48
C VAL G 99 -10.54 -26.30 4.11
N ARG G 100 -11.33 -26.34 3.04
CA ARG G 100 -10.79 -26.10 1.71
C ARG G 100 -10.26 -24.67 1.55
N LEU G 101 -10.88 -23.71 2.24
CA LEU G 101 -10.41 -22.33 2.20
C LEU G 101 -9.17 -22.10 3.06
N LEU G 102 -9.06 -22.83 4.18
CA LEU G 102 -7.98 -22.69 5.15
C LEU G 102 -6.70 -23.48 4.86
N LEU G 103 -6.80 -24.68 4.29
CA LEU G 103 -5.60 -25.50 4.05
C LEU G 103 -5.05 -25.27 2.65
N PRO G 104 -3.73 -25.05 2.51
CA PRO G 104 -3.12 -24.81 1.20
C PRO G 104 -2.66 -26.07 0.50
N GLY G 105 -2.85 -26.08 -0.82
CA GLY G 105 -2.39 -27.17 -1.68
C GLY G 105 -3.06 -28.51 -1.47
N GLU G 106 -2.28 -29.57 -1.74
CA GLU G 106 -2.77 -30.95 -1.67
C GLU G 106 -3.21 -31.35 -0.27
N LEU G 107 -2.67 -30.69 0.77
CA LEU G 107 -3.05 -30.98 2.14
C LEU G 107 -4.57 -30.90 2.32
N ALA G 108 -5.21 -29.97 1.62
CA ALA G 108 -6.66 -29.83 1.66
C ALA G 108 -7.36 -31.05 1.07
N LYS G 109 -6.84 -31.59 -0.02
CA LYS G 109 -7.43 -32.74 -0.68
C LYS G 109 -7.46 -33.95 0.26
N HIS G 110 -6.34 -34.22 0.93
CA HIS G 110 -6.27 -35.34 1.88
C HIS G 110 -7.22 -35.10 3.05
N ALA G 111 -7.22 -33.88 3.60
CA ALA G 111 -8.09 -33.55 4.72
C ALA G 111 -9.56 -33.78 4.35
N VAL G 112 -9.99 -33.23 3.21
CA VAL G 112 -11.36 -33.39 2.74
C VAL G 112 -11.72 -34.87 2.60
N SER G 113 -10.82 -35.66 2.01
CA SER G 113 -11.08 -37.10 1.89
C SER G 113 -11.25 -37.75 3.27
N GLU G 114 -10.36 -37.45 4.20
CA GLU G 114 -10.45 -38.01 5.55
C GLU G 114 -11.77 -37.62 6.21
N GLY G 115 -12.20 -36.37 6.06
CA GLY G 115 -13.48 -35.93 6.60
C GLY G 115 -14.65 -36.68 6.00
N THR G 116 -14.71 -36.76 4.67
CA THR G 116 -15.79 -37.46 4.01
C THR G 116 -15.82 -38.94 4.42
N LYS G 117 -14.66 -39.58 4.44
CA LYS G 117 -14.53 -40.98 4.85
C LYS G 117 -15.06 -41.18 6.27
N ALA G 118 -14.66 -40.30 7.20
CA ALA G 118 -15.13 -40.37 8.57
C ALA G 118 -16.64 -40.21 8.65
N VAL G 119 -17.20 -39.21 7.98
CA VAL G 119 -18.65 -39.02 7.99
C VAL G 119 -19.35 -40.24 7.41
N THR G 120 -18.82 -40.82 6.33
CA THR G 120 -19.42 -42.02 5.74
C THR G 120 -19.46 -43.16 6.76
N LYS G 121 -18.31 -43.47 7.38
CA LYS G 121 -18.31 -44.53 8.40
C LYS G 121 -19.24 -44.20 9.55
N TYR G 122 -19.37 -42.92 9.92
CA TYR G 122 -20.29 -42.54 10.99
C TYR G 122 -21.74 -42.76 10.58
N THR G 123 -22.07 -42.56 9.30
CA THR G 123 -23.44 -42.77 8.85
C THR G 123 -23.81 -44.26 8.79
N SER G 124 -22.89 -45.12 8.33
CA SER G 124 -23.19 -46.55 8.30
C SER G 124 -23.10 -47.18 9.68
N HIS H 40 47.93 -18.53 16.59
CA HIS H 40 46.78 -19.06 15.84
C HIS H 40 45.55 -18.17 16.06
N ARG H 41 45.04 -17.62 14.97
CA ARG H 41 43.85 -16.79 14.96
C ARG H 41 43.02 -17.12 13.73
N TYR H 42 41.71 -16.91 13.82
CA TYR H 42 40.85 -17.17 12.68
C TYR H 42 40.72 -15.89 11.84
N ARG H 43 40.56 -16.09 10.53
CA ARG H 43 40.38 -14.96 9.63
C ARG H 43 39.04 -14.28 9.93
N PRO H 44 38.95 -12.95 9.91
CA PRO H 44 37.69 -12.30 10.24
C PRO H 44 36.54 -12.79 9.38
N GLY H 45 35.52 -13.34 10.04
CA GLY H 45 34.34 -13.89 9.39
C GLY H 45 34.13 -15.36 9.68
N THR H 46 35.23 -16.10 9.88
CA THR H 46 35.15 -17.54 10.13
C THR H 46 34.46 -17.86 11.45
N VAL H 47 34.80 -17.14 12.51
CA VAL H 47 34.13 -17.36 13.79
C VAL H 47 32.69 -16.91 13.70
N ALA H 48 32.40 -15.88 12.90
CA ALA H 48 31.02 -15.44 12.72
C ALA H 48 30.19 -16.58 12.12
N LEU H 49 30.66 -17.17 11.03
CA LEU H 49 29.97 -18.29 10.41
C LEU H 49 29.81 -19.45 11.39
N ARG H 50 30.83 -19.71 12.21
CA ARG H 50 30.76 -20.76 13.23
C ARG H 50 29.69 -20.44 14.28
N GLU H 51 29.62 -19.18 14.73
CA GLU H 51 28.59 -18.77 15.67
C GLU H 51 27.20 -18.96 15.07
N ILE H 52 27.02 -18.60 13.80
CA ILE H 52 25.72 -18.79 13.15
C ILE H 52 25.31 -20.25 13.28
N ARG H 53 26.20 -21.16 12.91
CA ARG H 53 25.90 -22.60 13.04
C ARG H 53 25.57 -23.02 14.47
N ARG H 54 26.39 -22.70 15.48
CA ARG H 54 26.03 -23.18 16.83
C ARG H 54 24.70 -22.60 17.31
N TYR H 55 24.42 -21.31 17.06
CA TYR H 55 23.16 -20.74 17.56
C TYR H 55 21.95 -21.27 16.78
N GLN H 56 22.07 -21.44 15.48
CA GLN H 56 20.98 -22.05 14.72
C GLN H 56 20.78 -23.50 15.12
N LYS H 57 21.88 -24.20 15.44
CA LYS H 57 21.81 -25.60 15.87
C LYS H 57 21.21 -25.71 17.27
N SER H 58 21.53 -24.77 18.15
CA SER H 58 20.99 -24.74 19.51
C SER H 58 19.53 -24.27 19.50
N THR H 59 18.86 -24.44 20.66
CA THR H 59 17.46 -24.09 20.82
C THR H 59 17.21 -23.15 22.00
N GLU H 60 18.26 -22.70 22.68
CA GLU H 60 18.17 -21.82 23.83
C GLU H 60 17.78 -20.39 23.47
N LEU H 61 17.54 -19.61 24.53
CA LEU H 61 17.25 -18.19 24.45
C LEU H 61 18.57 -17.41 24.40
N LEU H 62 18.56 -16.28 23.69
CA LEU H 62 19.81 -15.53 23.53
C LEU H 62 19.95 -14.34 24.47
N ILE H 63 18.85 -13.74 24.93
CA ILE H 63 18.89 -12.61 25.86
C ILE H 63 18.93 -13.15 27.28
N ARG H 64 19.68 -12.50 28.17
CA ARG H 64 19.74 -12.98 29.54
C ARG H 64 18.35 -12.80 30.15
N LYS H 65 17.98 -13.67 31.10
CA LYS H 65 16.62 -13.58 31.64
C LYS H 65 16.40 -12.35 32.53
N LEU H 66 17.23 -12.14 33.55
CA LEU H 66 17.03 -11.01 34.46
C LEU H 66 16.97 -9.65 33.76
N PRO H 67 17.87 -9.31 32.85
CA PRO H 67 17.77 -7.99 32.19
C PRO H 67 16.47 -7.82 31.43
N PHE H 68 16.04 -8.86 30.73
CA PHE H 68 14.77 -8.83 30.00
C PHE H 68 13.60 -8.72 30.97
N GLN H 69 13.65 -9.48 32.06
CA GLN H 69 12.61 -9.47 33.08
C GLN H 69 12.41 -8.07 33.67
N ARG H 70 13.49 -7.35 33.96
CA ARG H 70 13.35 -5.97 34.43
C ARG H 70 12.81 -5.06 33.32
N LEU H 71 13.25 -5.27 32.08
CA LEU H 71 12.79 -4.44 30.96
C LEU H 71 11.27 -4.51 30.82
N VAL H 72 10.69 -5.71 30.87
CA VAL H 72 9.24 -5.84 30.81
C VAL H 72 8.57 -5.05 31.93
N ARG H 73 9.05 -5.21 33.16
CA ARG H 73 8.48 -4.48 34.30
C ARG H 73 8.56 -2.96 34.12
N GLU H 74 9.66 -2.45 33.58
CA GLU H 74 9.77 -1.00 33.36
C GLU H 74 8.80 -0.53 32.29
N ILE H 75 8.77 -1.19 31.14
CA ILE H 75 7.88 -0.78 30.05
C ILE H 75 6.43 -0.90 30.48
N ALA H 76 6.09 -1.94 31.26
CA ALA H 76 4.73 -2.12 31.74
C ALA H 76 4.31 -1.03 32.73
N GLN H 77 5.24 -0.50 33.52
CA GLN H 77 4.92 0.52 34.52
C GLN H 77 4.24 1.75 33.92
N ASP H 78 4.54 2.11 32.68
CA ASP H 78 3.90 3.25 32.04
C ASP H 78 2.44 3.01 31.70
N PHE H 79 2.00 1.76 31.61
CA PHE H 79 0.62 1.42 31.27
C PHE H 79 -0.25 1.21 32.52
N LYS H 80 0.31 0.64 33.58
CA LYS H 80 -0.44 0.43 34.82
C LYS H 80 0.61 0.32 35.92
N THR H 81 0.52 1.19 36.92
CA THR H 81 1.47 1.17 38.02
C THR H 81 1.25 -0.01 38.98
N ASP H 82 2.36 -0.48 39.54
CA ASP H 82 2.39 -1.57 40.53
C ASP H 82 1.72 -2.85 40.00
N LEU H 83 2.29 -3.39 38.92
CA LEU H 83 1.84 -4.64 38.33
C LEU H 83 2.58 -5.84 38.91
N ARG H 84 2.27 -7.03 38.40
CA ARG H 84 2.84 -8.29 38.86
C ARG H 84 2.80 -9.23 37.66
N PHE H 85 3.79 -10.11 37.53
CA PHE H 85 3.86 -11.02 36.38
C PHE H 85 4.11 -12.47 36.75
N GLN H 86 3.48 -13.40 36.02
CA GLN H 86 3.79 -14.80 36.23
C GLN H 86 5.15 -15.09 35.57
N SER H 87 5.83 -16.14 36.03
CA SER H 87 7.14 -16.46 35.46
C SER H 87 7.02 -16.87 34.00
N SER H 88 6.06 -17.74 33.69
CA SER H 88 5.79 -18.17 32.32
C SER H 88 5.39 -17.01 31.43
N ALA H 89 4.71 -16.01 31.99
CA ALA H 89 4.32 -14.83 31.23
C ALA H 89 5.54 -14.05 30.72
N VAL H 90 6.52 -13.81 31.59
CA VAL H 90 7.72 -13.10 31.14
C VAL H 90 8.47 -13.95 30.13
N MET H 91 8.54 -15.26 30.35
CA MET H 91 9.16 -16.17 29.40
C MET H 91 8.53 -16.03 28.03
N ALA H 92 7.19 -16.04 27.97
CA ALA H 92 6.48 -15.92 26.70
C ALA H 92 6.86 -14.63 25.98
N LEU H 93 6.88 -13.50 26.70
CA LEU H 93 7.31 -12.25 26.08
C LEU H 93 8.72 -12.37 25.52
N GLN H 94 9.61 -13.08 26.23
CA GLN H 94 10.96 -13.28 25.72
C GLN H 94 10.94 -14.13 24.46
N GLU H 95 10.18 -15.22 24.46
CA GLU H 95 10.09 -16.08 23.28
C GLU H 95 9.64 -15.26 22.07
N ALA H 96 8.57 -14.48 22.25
CA ALA H 96 8.06 -13.63 21.18
C ALA H 96 9.08 -12.57 20.76
N SER H 97 9.73 -11.90 21.72
CA SER H 97 10.71 -10.87 21.40
C SER H 97 11.89 -11.42 20.59
N GLU H 98 12.46 -12.54 21.02
CA GLU H 98 13.57 -13.13 20.30
C GLU H 98 13.14 -13.66 18.94
N ALA H 99 11.97 -14.28 18.87
CA ALA H 99 11.47 -14.78 17.59
C ALA H 99 11.23 -13.62 16.63
N TYR H 100 10.66 -12.53 17.14
CA TYR H 100 10.44 -11.33 16.34
C TYR H 100 11.74 -10.71 15.84
N LEU H 101 12.72 -10.54 16.73
CA LEU H 101 14.01 -9.98 16.31
C LEU H 101 14.70 -10.91 15.31
N VAL H 102 14.70 -12.22 15.56
CA VAL H 102 15.33 -13.16 14.62
C VAL H 102 14.64 -13.03 13.26
N GLY H 103 13.31 -13.04 13.26
CA GLY H 103 12.55 -12.88 12.03
C GLY H 103 12.92 -11.59 11.31
N LEU H 104 13.07 -10.50 12.07
CA LEU H 104 13.48 -9.22 11.51
C LEU H 104 14.90 -9.28 10.97
N PHE H 105 15.82 -9.91 11.67
CA PHE H 105 17.21 -10.00 11.19
C PHE H 105 17.32 -10.87 9.93
N GLU H 106 16.60 -11.98 9.85
CA GLU H 106 16.65 -12.79 8.63
C GLU H 106 16.23 -11.93 7.43
N ASP H 107 15.12 -11.20 7.55
CA ASP H 107 14.64 -10.36 6.46
C ASP H 107 15.57 -9.17 6.24
N THR H 108 16.13 -8.61 7.32
CA THR H 108 17.10 -7.52 7.20
C THR H 108 18.32 -7.99 6.43
N ASN H 109 18.77 -9.22 6.72
CA ASN H 109 19.93 -9.80 6.04
C ASN H 109 19.69 -9.85 4.54
N LEU H 110 18.50 -10.26 4.12
CA LEU H 110 18.19 -10.27 2.69
C LEU H 110 18.34 -8.88 2.09
N ALA H 111 17.93 -7.83 2.81
CA ALA H 111 18.10 -6.47 2.30
C ALA H 111 19.57 -6.10 2.18
N ALA H 112 20.38 -6.41 3.20
CA ALA H 112 21.81 -6.11 3.13
C ALA H 112 22.47 -6.83 1.96
N ILE H 113 22.13 -8.10 1.77
CA ILE H 113 22.63 -8.90 0.65
C ILE H 113 22.15 -8.30 -0.66
N HIS H 114 20.87 -7.94 -0.71
CA HIS H 114 20.27 -7.35 -1.90
C HIS H 114 20.97 -6.06 -2.30
N ALA H 115 21.40 -5.26 -1.33
CA ALA H 115 22.13 -4.03 -1.60
C ALA H 115 23.60 -4.30 -1.96
N LYS H 116 23.94 -5.56 -2.20
CA LYS H 116 25.31 -6.00 -2.51
C LYS H 116 26.30 -5.66 -1.41
N ARG H 117 25.87 -5.88 -0.18
CA ARG H 117 26.65 -5.71 1.02
C ARG H 117 26.51 -6.95 1.89
N VAL H 118 27.30 -7.00 2.95
CA VAL H 118 27.27 -8.08 3.92
C VAL H 118 26.92 -7.54 5.30
N THR H 119 27.50 -6.40 5.66
CA THR H 119 27.28 -5.72 6.93
C THR H 119 25.87 -5.16 7.02
N ILE H 120 25.12 -5.48 8.07
CA ILE H 120 23.81 -4.85 8.21
C ILE H 120 24.00 -3.46 8.84
N MET H 121 23.15 -2.52 8.44
CA MET H 121 23.13 -1.16 8.91
C MET H 121 21.71 -0.72 9.28
N PRO H 122 21.58 0.34 10.09
CA PRO H 122 20.25 0.78 10.53
C PRO H 122 19.27 1.00 9.40
N LYS H 123 19.73 1.52 8.25
CA LYS H 123 18.87 1.70 7.09
C LYS H 123 18.30 0.36 6.60
N ASP H 124 19.04 -0.73 6.77
CA ASP H 124 18.53 -2.05 6.38
C ASP H 124 17.33 -2.43 7.24
N ILE H 125 17.43 -2.21 8.56
CA ILE H 125 16.32 -2.49 9.47
C ILE H 125 15.13 -1.61 9.10
N GLN H 126 15.38 -0.32 8.88
CA GLN H 126 14.32 0.61 8.50
C GLN H 126 13.60 0.13 7.24
N LEU H 127 14.36 -0.27 6.22
CA LEU H 127 13.74 -0.81 5.00
C LEU H 127 12.88 -2.03 5.31
N ALA H 128 13.41 -2.98 6.08
CA ALA H 128 12.67 -4.19 6.40
C ALA H 128 11.37 -3.88 7.16
N ARG H 129 11.44 -3.00 8.14
CA ARG H 129 10.23 -2.62 8.88
C ARG H 129 9.22 -1.89 7.98
N ARG H 130 9.70 -0.98 7.12
CA ARG H 130 8.82 -0.28 6.19
C ARG H 130 8.16 -1.22 5.19
N ILE H 131 8.87 -2.24 4.72
CA ILE H 131 8.25 -3.17 3.77
C ILE H 131 7.29 -4.09 4.51
N ARG H 132 7.64 -4.51 5.73
CA ARG H 132 6.74 -5.36 6.49
C ARG H 132 5.43 -4.64 6.81
N GLY H 133 5.47 -3.32 6.92
CA GLY H 133 4.28 -2.54 7.22
C GLY H 133 4.13 -2.05 8.64
N GLU H 134 5.21 -1.54 9.22
CA GLU H 134 5.20 -1.03 10.59
C GLU H 134 5.44 0.48 10.59
N ASP I 25 16.02 2.52 33.49
CA ASP I 25 16.89 2.42 32.32
C ASP I 25 17.37 0.98 32.16
N ASN I 26 16.45 0.10 31.77
CA ASN I 26 16.77 -1.31 31.55
C ASN I 26 17.01 -1.67 30.09
N ILE I 27 16.80 -0.75 29.14
CA ILE I 27 17.00 -1.11 27.74
C ILE I 27 18.48 -1.35 27.45
N GLN I 28 19.38 -0.69 28.17
CA GLN I 28 20.80 -0.98 28.04
C GLN I 28 21.15 -2.35 28.59
N GLY I 29 20.20 -2.97 29.31
CA GLY I 29 20.33 -4.31 29.83
C GLY I 29 20.28 -5.36 28.75
N ILE I 30 19.83 -4.99 27.55
CA ILE I 30 19.85 -5.86 26.38
C ILE I 30 21.24 -5.62 25.81
N THR I 31 22.18 -6.46 26.24
CA THR I 31 23.59 -6.25 25.98
C THR I 31 23.97 -6.43 24.51
N LYS I 32 25.14 -5.87 24.18
CA LYS I 32 25.68 -5.93 22.82
C LYS I 32 25.81 -7.38 22.35
N PRO I 33 26.31 -8.31 23.17
CA PRO I 33 26.35 -9.72 22.76
C PRO I 33 24.97 -10.33 22.58
N ALA I 34 23.96 -9.92 23.35
CA ALA I 34 22.63 -10.50 23.16
C ALA I 34 22.08 -10.15 21.78
N ILE I 35 22.17 -8.86 21.40
CA ILE I 35 21.76 -8.42 20.07
C ILE I 35 22.58 -9.15 19.02
N ARG I 36 23.88 -9.28 19.25
CA ARG I 36 24.75 -10.00 18.31
C ARG I 36 24.29 -11.45 18.13
N ARG I 37 24.00 -12.15 19.23
CA ARG I 37 23.56 -13.54 19.14
C ARG I 37 22.22 -13.67 18.42
N LEU I 38 21.29 -12.76 18.66
CA LEU I 38 20.03 -12.81 17.93
C LEU I 38 20.30 -12.64 16.43
N ALA I 39 21.12 -11.65 16.07
CA ALA I 39 21.46 -11.44 14.67
C ALA I 39 22.16 -12.68 14.10
N ARG I 40 23.03 -13.31 14.89
CA ARG I 40 23.68 -14.55 14.46
C ARG I 40 22.67 -15.66 14.20
N ARG I 41 21.70 -15.83 15.08
CA ARG I 41 20.69 -16.86 14.82
C ARG I 41 19.95 -16.51 13.53
N GLY I 42 19.77 -15.22 13.26
CA GLY I 42 19.14 -14.77 12.03
C GLY I 42 20.02 -14.94 10.80
N GLY I 43 21.27 -15.36 10.96
CA GLY I 43 22.17 -15.57 9.84
C GLY I 43 23.04 -14.38 9.45
N VAL I 44 23.14 -13.37 10.31
CA VAL I 44 23.91 -12.17 10.01
C VAL I 44 25.40 -12.43 10.29
N LYS I 45 26.24 -12.20 9.27
CA LYS I 45 27.67 -12.42 9.38
C LYS I 45 28.42 -11.23 9.99
N ARG I 46 28.05 -10.00 9.62
CA ARG I 46 28.73 -8.80 10.10
C ARG I 46 27.70 -7.74 10.49
N ILE I 47 27.91 -7.09 11.63
CA ILE I 47 26.98 -6.09 12.17
C ILE I 47 27.72 -4.78 12.39
N SER I 48 27.15 -3.68 11.90
CA SER I 48 27.79 -2.38 12.10
C SER I 48 27.52 -1.88 13.52
N GLY I 49 28.21 -0.80 13.90
CA GLY I 49 28.14 -0.33 15.26
C GLY I 49 26.97 0.57 15.60
N LEU I 50 26.03 0.75 14.66
CA LEU I 50 24.83 1.56 14.88
C LEU I 50 23.56 0.72 15.02
N ILE I 51 23.67 -0.59 14.80
CA ILE I 51 22.55 -1.53 14.91
C ILE I 51 22.01 -1.64 16.32
N TYR I 52 22.87 -1.59 17.33
CA TYR I 52 22.44 -1.80 18.72
C TYR I 52 21.36 -0.83 19.19
N GLU I 53 21.56 0.48 19.03
CA GLU I 53 20.51 1.42 19.41
C GLU I 53 19.21 1.21 18.61
N GLU I 54 19.32 0.96 17.31
CA GLU I 54 18.12 0.74 16.51
C GLU I 54 17.37 -0.49 17.02
N THR I 55 18.08 -1.59 17.24
CA THR I 55 17.46 -2.81 17.75
C THR I 55 16.81 -2.56 19.12
N ARG I 56 17.48 -1.81 19.99
CA ARG I 56 16.89 -1.46 21.28
C ARG I 56 15.57 -0.71 21.06
N GLY I 57 15.56 0.24 20.14
CA GLY I 57 14.34 0.98 19.82
C GLY I 57 13.24 0.06 19.33
N VAL I 58 13.57 -0.84 18.41
CA VAL I 58 12.61 -1.80 17.87
C VAL I 58 12.05 -2.69 18.97
N LEU I 59 12.92 -3.26 19.80
CA LEU I 59 12.47 -4.11 20.90
C LEU I 59 11.55 -3.34 21.85
N LYS I 60 11.94 -2.12 22.20
CA LYS I 60 11.11 -1.26 23.05
C LYS I 60 9.72 -1.07 22.44
N VAL I 61 9.64 -0.75 21.15
CA VAL I 61 8.36 -0.57 20.46
C VAL I 61 7.54 -1.86 20.48
N PHE I 62 8.17 -2.98 20.14
CA PHE I 62 7.46 -4.27 20.13
C PHE I 62 6.88 -4.59 21.51
N LEU I 63 7.71 -4.51 22.54
CA LEU I 63 7.27 -4.77 23.90
C LEU I 63 6.17 -3.78 24.31
N GLU I 64 6.32 -2.50 24.00
CA GLU I 64 5.27 -1.55 24.35
C GLU I 64 3.93 -1.96 23.76
N ASN I 65 3.89 -2.33 22.48
CA ASN I 65 2.62 -2.73 21.86
C ASN I 65 2.04 -4.00 22.50
N VAL I 66 2.86 -5.05 22.64
CA VAL I 66 2.36 -6.30 23.22
C VAL I 66 1.94 -6.09 24.67
N ILE I 67 2.76 -5.41 25.46
CA ILE I 67 2.45 -5.19 26.86
C ILE I 67 1.20 -4.34 27.00
N ARG I 68 1.06 -3.29 26.18
CA ARG I 68 -0.14 -2.45 26.24
C ARG I 68 -1.39 -3.33 26.13
N ASP I 69 -1.41 -4.20 25.12
CA ASP I 69 -2.56 -5.09 24.94
C ASP I 69 -2.71 -6.06 26.13
N ALA I 70 -1.62 -6.71 26.53
CA ALA I 70 -1.68 -7.64 27.65
C ALA I 70 -2.21 -6.97 28.92
N VAL I 71 -1.72 -5.78 29.24
CA VAL I 71 -2.18 -5.03 30.41
C VAL I 71 -3.66 -4.69 30.28
N THR I 72 -4.12 -4.31 29.09
CA THR I 72 -5.54 -4.04 28.90
C THR I 72 -6.38 -5.28 29.18
N TYR I 73 -5.96 -6.43 28.67
CA TYR I 73 -6.68 -7.67 29.00
C TYR I 73 -6.65 -7.92 30.50
N THR I 74 -5.51 -7.66 31.13
CA THR I 74 -5.37 -7.88 32.58
C THR I 74 -6.34 -6.98 33.36
N GLU I 75 -6.39 -5.70 33.02
CA GLU I 75 -7.31 -4.79 33.69
C GLU I 75 -8.75 -5.27 33.54
N HIS I 76 -9.11 -5.77 32.37
CA HIS I 76 -10.51 -6.17 32.17
C HIS I 76 -10.94 -7.26 33.14
N ALA I 77 -10.12 -8.29 33.36
CA ALA I 77 -10.48 -9.37 34.25
C ALA I 77 -10.44 -9.00 35.73
N LYS I 78 -10.11 -7.74 36.08
CA LYS I 78 -9.95 -7.33 37.47
C LYS I 78 -8.88 -8.16 38.17
N ARG I 79 -7.70 -8.19 37.57
CA ARG I 79 -6.55 -8.92 38.12
C ARG I 79 -5.35 -8.00 38.16
N LYS I 80 -4.44 -8.29 39.09
CA LYS I 80 -3.22 -7.51 39.24
C LYS I 80 -2.02 -8.18 38.58
N THR I 81 -2.12 -9.47 38.26
CA THR I 81 -1.04 -10.25 37.67
C THR I 81 -1.28 -10.57 36.20
N VAL I 82 -0.28 -10.27 35.37
CA VAL I 82 -0.32 -10.57 33.94
C VAL I 82 0.06 -12.04 33.80
N THR I 83 -0.88 -12.86 33.32
CA THR I 83 -0.63 -14.27 33.14
C THR I 83 -0.01 -14.53 31.78
N ALA I 84 0.30 -15.80 31.51
CA ALA I 84 0.85 -16.14 30.20
C ALA I 84 -0.24 -16.10 29.14
N MET I 85 -1.47 -16.52 29.48
CA MET I 85 -2.58 -16.43 28.54
C MET I 85 -2.81 -14.99 28.09
N ASP I 86 -2.65 -14.02 28.99
CA ASP I 86 -2.81 -12.62 28.62
C ASP I 86 -1.82 -12.22 27.53
N VAL I 87 -0.56 -12.64 27.67
CA VAL I 87 0.45 -12.39 26.66
C VAL I 87 0.14 -13.17 25.38
N VAL I 88 -0.36 -14.40 25.50
CA VAL I 88 -0.70 -15.17 24.31
C VAL I 88 -1.82 -14.49 23.54
N TYR I 89 -2.87 -14.05 24.23
CA TYR I 89 -3.96 -13.36 23.55
C TYR I 89 -3.47 -12.09 22.89
N ALA I 90 -2.62 -11.32 23.58
CA ALA I 90 -2.06 -10.12 22.97
C ALA I 90 -1.26 -10.46 21.71
N LEU I 91 -0.45 -11.53 21.75
CA LEU I 91 0.32 -11.95 20.57
C LEU I 91 -0.57 -12.51 19.46
N LYS I 92 -1.66 -13.18 19.82
CA LYS I 92 -2.62 -13.69 18.83
C LYS I 92 -3.27 -12.52 18.10
N ARG I 93 -3.73 -11.54 18.86
CA ARG I 93 -4.31 -10.31 18.32
C ARG I 93 -3.41 -9.63 17.29
N GLN I 94 -2.12 -9.50 17.59
CA GLN I 94 -1.21 -8.81 16.68
C GLN I 94 -0.69 -9.70 15.55
N GLY I 95 -1.08 -10.97 15.52
CA GLY I 95 -0.66 -11.87 14.46
C GLY I 95 0.71 -12.50 14.59
N ARG I 96 0.99 -12.98 15.78
CA ARG I 96 2.20 -13.72 16.12
C ARG I 96 1.84 -15.14 16.54
N THR I 97 0.78 -15.28 17.34
CA THR I 97 0.22 -16.56 17.76
C THR I 97 1.26 -17.53 18.32
N LEU I 98 1.75 -17.18 19.51
CA LEU I 98 2.79 -17.97 20.15
C LEU I 98 2.18 -19.26 20.70
N TYR I 99 2.82 -20.40 20.39
CA TYR I 99 2.40 -21.70 20.86
C TYR I 99 3.33 -22.17 21.97
N GLY I 100 2.77 -22.92 22.92
CA GLY I 100 3.54 -23.47 24.02
C GLY I 100 3.14 -22.96 25.39
N PHE I 101 2.25 -21.99 25.48
CA PHE I 101 1.80 -21.45 26.75
C PHE I 101 0.29 -21.56 26.93
N GLY I 102 -0.34 -22.50 26.24
CA GLY I 102 -1.77 -22.70 26.33
C GLY I 102 -2.54 -21.93 25.27
N LYS J 21 -40.04 8.02 22.98
CA LYS J 21 -38.90 8.42 22.17
C LYS J 21 -37.95 7.23 21.93
N THR J 22 -37.15 7.33 20.88
CA THR J 22 -36.18 6.29 20.54
C THR J 22 -34.96 6.34 21.45
N ARG J 23 -34.25 5.21 21.50
CA ARG J 23 -33.07 5.10 22.35
C ARG J 23 -31.93 5.97 21.83
N SER J 24 -31.86 6.22 20.52
CA SER J 24 -30.82 7.09 19.99
C SER J 24 -30.95 8.50 20.59
N SER J 25 -32.18 9.00 20.72
CA SER J 25 -32.38 10.31 21.33
C SER J 25 -31.97 10.29 22.81
N ARG J 26 -32.31 9.23 23.53
CA ARG J 26 -31.89 9.12 24.93
C ARG J 26 -30.38 9.15 25.06
N ALA J 27 -29.67 8.43 24.20
CA ALA J 27 -28.21 8.43 24.26
C ALA J 27 -27.63 9.73 23.73
N GLY J 28 -28.43 10.52 23.00
CA GLY J 28 -27.95 11.76 22.42
C GLY J 28 -27.13 11.53 21.18
N LEU J 29 -27.28 10.36 20.58
CA LEU J 29 -26.58 9.92 19.39
C LEU J 29 -27.41 10.16 18.15
N GLN J 30 -26.84 9.80 17.01
CA GLN J 30 -27.48 9.86 15.71
C GLN J 30 -27.61 8.46 15.11
N PHE J 31 -26.63 7.59 15.40
CA PHE J 31 -26.66 6.23 14.93
C PHE J 31 -27.72 5.41 15.66
N PRO J 32 -28.27 4.38 15.03
CA PRO J 32 -29.32 3.59 15.67
C PRO J 32 -28.76 2.73 16.78
N VAL J 33 -29.64 2.45 17.75
CA VAL J 33 -29.32 1.56 18.87
C VAL J 33 -29.99 0.21 18.66
N GLY J 34 -31.23 0.24 18.16
CA GLY J 34 -31.96 -0.98 17.89
C GLY J 34 -31.20 -1.90 16.93
N ARG J 35 -30.76 -1.35 15.79
CA ARG J 35 -30.01 -2.13 14.80
C ARG J 35 -28.70 -2.68 15.37
N VAL J 36 -27.93 -1.89 16.11
CA VAL J 36 -26.69 -2.39 16.70
C VAL J 36 -27.01 -3.53 17.68
N HIS J 37 -27.99 -3.30 18.55
CA HIS J 37 -28.43 -4.30 19.50
C HIS J 37 -28.93 -5.55 18.79
N ARG J 38 -29.68 -5.38 17.70
CA ARG J 38 -30.20 -6.50 16.92
C ARG J 38 -29.06 -7.31 16.30
N LEU J 39 -28.10 -6.64 15.67
CA LEU J 39 -26.95 -7.32 15.07
C LEU J 39 -26.14 -8.10 16.10
N LEU J 40 -25.88 -7.53 17.27
CA LEU J 40 -25.12 -8.28 18.28
C LEU J 40 -25.83 -9.58 18.67
N ARG J 41 -27.12 -9.52 19.00
CA ARG J 41 -27.83 -10.77 19.33
C ARG J 41 -27.95 -11.72 18.14
N LYS J 42 -28.17 -11.20 16.94
CA LYS J 42 -28.37 -12.02 15.74
C LYS J 42 -27.08 -12.52 15.11
N GLY J 43 -25.95 -11.84 15.32
CA GLY J 43 -24.69 -12.24 14.72
C GLY J 43 -23.84 -13.19 15.54
N ASN J 44 -24.41 -13.77 16.59
CA ASN J 44 -23.72 -14.73 17.48
C ASN J 44 -22.37 -14.25 17.99
N TYR J 45 -22.40 -13.19 18.79
CA TYR J 45 -21.20 -12.68 19.43
C TYR J 45 -21.10 -13.17 20.87
N SER J 46 -22.23 -13.39 21.52
CA SER J 46 -22.29 -13.99 22.85
C SER J 46 -23.72 -14.49 23.05
N GLU J 47 -23.96 -15.15 24.18
CA GLU J 47 -25.31 -15.63 24.45
C GLU J 47 -26.23 -14.49 24.82
N ARG J 48 -25.71 -13.53 25.57
CA ARG J 48 -26.44 -12.34 26.01
C ARG J 48 -25.71 -11.06 25.63
N VAL J 49 -26.49 -9.99 25.52
CA VAL J 49 -25.99 -8.65 25.25
C VAL J 49 -26.56 -7.76 26.34
N GLY J 50 -25.73 -6.91 26.93
CA GLY J 50 -26.18 -6.04 27.99
C GLY J 50 -27.00 -4.89 27.47
N ALA J 51 -27.13 -3.85 28.30
CA ALA J 51 -27.94 -2.70 27.91
C ALA J 51 -27.07 -1.55 27.45
N GLY J 52 -25.88 -1.40 28.02
CA GLY J 52 -24.98 -0.34 27.64
C GLY J 52 -24.07 -0.71 26.49
N ALA J 53 -23.98 -2.01 26.17
CA ALA J 53 -23.11 -2.45 25.09
C ALA J 53 -23.47 -1.83 23.75
N PRO J 54 -24.72 -1.92 23.28
CA PRO J 54 -25.02 -1.32 21.97
C PRO J 54 -24.88 0.19 22.00
N VAL J 55 -25.30 0.85 23.09
CA VAL J 55 -25.20 2.31 23.18
C VAL J 55 -23.73 2.74 23.08
N TYR J 56 -22.86 2.11 23.86
CA TYR J 56 -21.43 2.43 23.84
C TYR J 56 -20.84 2.18 22.46
N LEU J 57 -21.17 1.04 21.86
CA LEU J 57 -20.67 0.70 20.53
C LEU J 57 -21.16 1.70 19.49
N ALA J 58 -22.45 2.05 19.54
CA ALA J 58 -23.01 3.02 18.62
C ALA J 58 -22.30 4.36 18.74
N ALA J 59 -22.05 4.83 19.96
CA ALA J 59 -21.34 6.08 20.17
C ALA J 59 -19.93 6.02 19.59
N VAL J 60 -19.22 4.92 19.79
CA VAL J 60 -17.87 4.76 19.26
C VAL J 60 -17.90 4.78 17.72
N LEU J 61 -18.84 4.02 17.13
CA LEU J 61 -18.97 4.00 15.68
C LEU J 61 -19.27 5.40 15.15
N GLU J 62 -20.19 6.10 15.79
CA GLU J 62 -20.55 7.47 15.40
C GLU J 62 -19.33 8.39 15.50
N TYR J 63 -18.60 8.32 16.61
CA TYR J 63 -17.39 9.14 16.77
C TYR J 63 -16.36 8.87 15.68
N LEU J 64 -16.11 7.60 15.37
CA LEU J 64 -15.16 7.27 14.30
C LEU J 64 -15.66 7.84 12.99
N THR J 65 -16.95 7.66 12.70
CA THR J 65 -17.53 8.22 11.48
C THR J 65 -17.35 9.74 11.45
N ALA J 66 -17.62 10.42 12.57
CA ALA J 66 -17.45 11.87 12.65
C ALA J 66 -16.01 12.27 12.40
N GLU J 67 -15.06 11.51 12.95
CA GLU J 67 -13.63 11.81 12.77
C GLU J 67 -13.23 11.65 11.31
N ILE J 68 -13.72 10.61 10.65
CA ILE J 68 -13.48 10.39 9.23
C ILE J 68 -14.07 11.52 8.40
N LEU J 69 -15.35 11.81 8.62
CA LEU J 69 -16.06 12.84 7.88
C LEU J 69 -15.43 14.22 8.10
N GLU J 70 -15.00 14.53 9.33
CA GLU J 70 -14.32 15.79 9.59
C GLU J 70 -13.09 15.95 8.71
N LEU J 71 -12.21 14.95 8.71
CA LEU J 71 -11.01 14.99 7.87
C LEU J 71 -11.38 14.99 6.38
N ALA J 72 -12.45 14.30 6.01
CA ALA J 72 -12.91 14.27 4.63
C ALA J 72 -13.35 15.67 4.17
N GLY J 73 -14.14 16.34 4.99
CA GLY J 73 -14.59 17.69 4.66
C GLY J 73 -13.42 18.64 4.49
N ASN J 74 -12.45 18.57 5.40
CA ASN J 74 -11.25 19.40 5.31
C ASN J 74 -10.49 19.11 4.02
N ALA J 75 -10.33 17.83 3.67
CA ALA J 75 -9.65 17.48 2.43
C ALA J 75 -10.40 18.03 1.22
N ALA J 76 -11.74 18.00 1.27
CA ALA J 76 -12.55 18.54 0.18
C ALA J 76 -12.33 20.04 0.01
N ARG J 77 -12.30 20.78 1.12
CA ARG J 77 -12.06 22.22 1.08
C ARG J 77 -10.66 22.55 0.56
N ASP J 78 -9.64 21.83 1.01
CA ASP J 78 -8.29 22.09 0.52
C ASP J 78 -8.12 21.72 -0.96
N ASN J 79 -9.12 21.05 -1.54
CA ASN J 79 -9.13 20.72 -2.97
C ASN J 79 -10.22 21.54 -3.67
N LYS J 80 -10.87 22.44 -2.92
CA LYS J 80 -11.94 23.32 -3.37
C LYS J 80 -13.05 22.57 -4.11
N LYS J 81 -13.63 21.62 -3.39
CA LYS J 81 -14.72 20.75 -3.81
C LYS J 81 -15.74 20.71 -2.67
N THR J 82 -17.01 20.52 -3.01
CA THR J 82 -18.10 20.55 -2.04
C THR J 82 -18.78 19.21 -1.83
N ARG J 83 -18.26 18.12 -2.40
CA ARG J 83 -18.87 16.81 -2.25
C ARG J 83 -17.79 15.80 -1.89
N ILE J 84 -18.05 14.98 -0.87
CA ILE J 84 -17.09 13.95 -0.49
C ILE J 84 -17.16 12.81 -1.51
N ILE J 85 -15.99 12.50 -2.07
CA ILE J 85 -15.79 11.42 -3.03
C ILE J 85 -14.76 10.46 -2.47
N PRO J 86 -14.69 9.24 -3.01
CA PRO J 86 -13.71 8.26 -2.50
C PRO J 86 -12.29 8.80 -2.34
N ARG J 87 -11.80 9.62 -3.27
CA ARG J 87 -10.47 10.20 -3.13
C ARG J 87 -10.34 11.05 -1.88
N HIS J 88 -11.39 11.78 -1.50
CA HIS J 88 -11.32 12.60 -0.29
C HIS J 88 -11.24 11.72 0.96
N LEU J 89 -11.99 10.62 0.99
CA LEU J 89 -11.91 9.68 2.11
C LEU J 89 -10.49 9.12 2.20
N GLN J 90 -9.88 8.80 1.06
CA GLN J 90 -8.51 8.28 1.02
C GLN J 90 -7.53 9.28 1.62
N LEU J 91 -7.60 10.55 1.19
CA LEU J 91 -6.71 11.58 1.73
C LEU J 91 -6.90 11.75 3.23
N ALA J 92 -8.15 11.78 3.68
CA ALA J 92 -8.45 11.94 5.10
C ALA J 92 -7.86 10.80 5.94
N ILE J 93 -8.12 9.56 5.53
CA ILE J 93 -7.62 8.37 6.23
C ILE J 93 -6.09 8.28 6.21
N ARG J 94 -5.45 8.58 5.09
CA ARG J 94 -3.98 8.47 5.01
C ARG J 94 -3.21 9.68 5.53
N ASN J 95 -3.82 10.86 5.67
CA ASN J 95 -3.12 12.03 6.18
C ASN J 95 -3.23 12.16 7.70
N ASP J 96 -3.57 11.08 8.40
CA ASP J 96 -3.68 11.06 9.85
C ASP J 96 -2.80 9.92 10.36
N GLU J 97 -2.08 10.17 11.46
CA GLU J 97 -1.16 9.16 12.01
C GLU J 97 -1.88 7.93 12.57
N GLU J 98 -3.03 8.11 13.22
CA GLU J 98 -3.71 6.98 13.84
C GLU J 98 -4.74 6.32 12.95
N LEU J 99 -5.47 7.07 12.12
CA LEU J 99 -6.40 6.42 11.20
C LEU J 99 -5.63 5.56 10.21
N ASN J 100 -4.45 6.01 9.80
CA ASN J 100 -3.62 5.18 8.92
C ASN J 100 -3.29 3.86 9.59
N LYS J 101 -2.99 3.91 10.88
CA LYS J 101 -2.67 2.72 11.66
C LYS J 101 -3.88 1.80 11.82
N LEU J 102 -5.08 2.37 11.92
CA LEU J 102 -6.31 1.58 12.04
C LEU J 102 -6.71 0.97 10.69
N LEU J 103 -6.50 1.68 9.59
CA LEU J 103 -6.87 1.22 8.25
C LEU J 103 -5.64 1.02 7.37
N GLY J 104 -4.55 0.52 7.96
CA GLY J 104 -3.31 0.30 7.23
C GLY J 104 -3.37 -0.88 6.28
N ARG J 105 -4.24 -1.84 6.57
CA ARG J 105 -4.46 -3.06 5.79
C ARG J 105 -5.82 -3.06 5.10
N VAL J 106 -6.26 -1.88 4.66
CA VAL J 106 -7.54 -1.70 3.97
C VAL J 106 -7.33 -0.94 2.66
N THR J 107 -8.03 -1.39 1.61
CA THR J 107 -8.03 -0.79 0.29
C THR J 107 -9.39 -0.14 0.04
N ILE J 108 -9.38 1.10 -0.45
CA ILE J 108 -10.61 1.84 -0.73
C ILE J 108 -10.79 1.89 -2.25
N ALA J 109 -11.96 1.47 -2.72
CA ALA J 109 -12.22 1.48 -4.16
C ALA J 109 -12.18 2.89 -4.69
N GLN J 110 -11.58 3.07 -5.86
CA GLN J 110 -11.44 4.41 -6.47
C GLN J 110 -10.78 5.40 -5.50
N GLY J 111 -9.90 4.92 -4.64
CA GLY J 111 -9.28 5.78 -3.64
C GLY J 111 -7.91 6.34 -3.97
N GLY J 112 -7.09 5.56 -4.66
CA GLY J 112 -5.76 6.02 -5.03
C GLY J 112 -4.82 6.04 -3.82
N VAL J 113 -3.68 6.72 -4.02
CA VAL J 113 -2.66 6.83 -2.98
C VAL J 113 -2.38 8.29 -2.65
N LEU J 114 -1.52 8.52 -1.64
CA LEU J 114 -1.11 9.88 -1.32
C LEU J 114 0.00 10.30 -2.29
N PRO J 115 -0.08 11.49 -2.88
CA PRO J 115 1.02 11.89 -3.78
C PRO J 115 2.33 11.96 -3.00
N ASN J 116 3.34 11.24 -3.49
CA ASN J 116 4.63 11.26 -2.80
C ASN J 116 5.71 10.76 -3.74
N ILE J 117 6.90 11.35 -3.63
CA ILE J 117 8.06 10.97 -4.44
C ILE J 117 9.26 10.89 -3.51
N GLN J 118 10.04 9.80 -3.63
CA GLN J 118 11.22 9.67 -2.78
C GLN J 118 12.27 10.70 -3.18
N ALA J 119 13.02 11.19 -2.19
CA ALA J 119 13.93 12.31 -2.41
C ALA J 119 15.10 12.03 -3.36
N VAL J 120 15.41 10.77 -3.69
CA VAL J 120 16.49 10.49 -4.64
C VAL J 120 16.01 10.44 -6.07
N LEU J 121 14.71 10.65 -6.31
CA LEU J 121 14.13 10.58 -7.64
C LEU J 121 13.91 11.94 -8.27
N LEU J 122 13.82 12.99 -7.47
CA LEU J 122 13.64 14.34 -8.00
C LEU J 122 14.94 14.83 -8.64
N PRO J 123 14.88 15.58 -9.75
CA PRO J 123 16.09 16.04 -10.41
C PRO J 123 16.83 17.10 -9.60
N GLU K 36 -30.58 -2.98 3.61
CA GLU K 36 -30.14 -2.15 4.73
C GLU K 36 -28.73 -1.59 4.56
N SER K 37 -28.58 -0.36 5.04
CA SER K 37 -27.30 0.34 5.05
C SER K 37 -27.32 1.32 6.22
N TYR K 38 -26.24 2.09 6.37
CA TYR K 38 -26.17 3.15 7.38
C TYR K 38 -26.16 4.54 6.77
N SER K 39 -26.44 4.64 5.47
CA SER K 39 -26.46 5.90 4.74
C SER K 39 -27.30 6.98 5.41
N VAL K 40 -28.55 6.64 5.77
CA VAL K 40 -29.46 7.60 6.40
C VAL K 40 -28.85 8.20 7.66
N TYR K 41 -28.12 7.41 8.43
CA TYR K 41 -27.47 7.90 9.65
C TYR K 41 -26.20 8.68 9.33
N VAL K 42 -25.45 8.24 8.31
CA VAL K 42 -24.24 8.95 7.90
C VAL K 42 -24.58 10.37 7.46
N TYR K 43 -25.66 10.56 6.69
CA TYR K 43 -26.08 11.93 6.37
C TYR K 43 -26.22 12.80 7.61
N LYS K 44 -27.01 12.34 8.59
CA LYS K 44 -27.22 13.11 9.82
C LYS K 44 -25.89 13.49 10.47
N VAL K 45 -24.96 12.54 10.59
CA VAL K 45 -23.66 12.86 11.17
C VAL K 45 -22.87 13.85 10.30
N LEU K 46 -22.86 13.63 8.98
CA LEU K 46 -22.15 14.52 8.05
C LEU K 46 -22.58 15.99 8.18
N LYS K 47 -23.88 16.27 8.16
CA LYS K 47 -24.35 17.65 8.31
C LYS K 47 -23.93 18.29 9.63
N GLN K 48 -23.73 17.50 10.68
CA GLN K 48 -23.31 18.05 11.97
C GLN K 48 -21.84 18.44 11.99
N VAL K 49 -20.98 17.84 11.16
CA VAL K 49 -19.59 18.27 11.11
C VAL K 49 -19.38 19.22 9.94
N HIS K 50 -20.17 19.11 8.88
CA HIS K 50 -20.07 20.00 7.73
C HIS K 50 -21.45 20.27 7.13
N PRO K 51 -22.04 21.43 7.39
CA PRO K 51 -23.36 21.76 6.82
C PRO K 51 -23.35 21.90 5.31
N ASP K 52 -22.35 22.63 4.80
CA ASP K 52 -22.24 22.95 3.37
C ASP K 52 -21.45 21.90 2.57
N THR K 53 -21.91 20.65 2.63
CA THR K 53 -21.25 19.61 1.83
C THR K 53 -22.23 18.50 1.45
N GLY K 54 -21.85 17.75 0.42
CA GLY K 54 -22.60 16.59 -0.03
C GLY K 54 -21.69 15.37 -0.06
N ILE K 55 -22.25 14.25 -0.51
CA ILE K 55 -21.48 13.00 -0.58
C ILE K 55 -22.02 12.12 -1.70
N SER K 56 -21.11 11.53 -2.48
CA SER K 56 -21.46 10.70 -3.63
C SER K 56 -21.79 9.27 -3.22
N SER K 57 -22.46 8.54 -4.12
CA SER K 57 -22.85 7.15 -3.83
C SER K 57 -21.65 6.24 -3.57
N LYS K 58 -20.52 6.48 -4.24
CA LYS K 58 -19.31 5.69 -3.99
C LYS K 58 -18.74 5.97 -2.61
N ALA K 59 -18.65 7.25 -2.23
CA ALA K 59 -18.17 7.59 -0.90
C ALA K 59 -19.10 7.01 0.16
N MET K 60 -20.42 7.13 -0.06
CA MET K 60 -21.39 6.55 0.87
C MET K 60 -21.18 5.03 0.99
N GLY K 61 -20.89 4.37 -0.14
CA GLY K 61 -20.61 2.94 -0.11
C GLY K 61 -19.39 2.61 0.72
N ILE K 62 -18.35 3.44 0.59
CA ILE K 62 -17.14 3.26 1.39
C ILE K 62 -17.48 3.41 2.87
N MET K 63 -18.22 4.44 3.24
CA MET K 63 -18.62 4.63 4.63
C MET K 63 -19.44 3.44 5.14
N ASN K 64 -20.30 2.88 4.29
CA ASN K 64 -21.09 1.70 4.64
C ASN K 64 -20.16 0.51 4.95
N SER K 65 -19.12 0.34 4.14
CA SER K 65 -18.17 -0.73 4.42
C SER K 65 -17.39 -0.45 5.69
N PHE K 66 -16.97 0.81 5.89
CA PHE K 66 -16.22 1.19 7.08
C PHE K 66 -17.01 0.91 8.36
N VAL K 67 -18.28 1.30 8.40
CA VAL K 67 -19.11 1.02 9.57
C VAL K 67 -19.22 -0.48 9.82
N ASN K 68 -19.51 -1.27 8.77
CA ASN K 68 -19.60 -2.71 8.97
C ASN K 68 -18.27 -3.32 9.44
N ASP K 69 -17.14 -2.87 8.89
CA ASP K 69 -15.84 -3.38 9.30
C ASP K 69 -15.53 -3.07 10.77
N ILE K 70 -15.63 -1.81 11.17
CA ILE K 70 -15.35 -1.45 12.56
C ILE K 70 -16.33 -2.13 13.51
N PHE K 71 -17.59 -2.26 13.10
CA PHE K 71 -18.56 -2.98 13.93
C PHE K 71 -18.17 -4.44 14.12
N GLU K 72 -17.80 -5.13 13.05
CA GLU K 72 -17.41 -6.53 13.20
C GLU K 72 -16.12 -6.65 14.01
N ARG K 73 -15.13 -5.79 13.79
CA ARG K 73 -13.90 -5.88 14.56
C ARG K 73 -14.19 -5.72 16.05
N ILE K 74 -14.92 -4.67 16.43
CA ILE K 74 -15.23 -4.44 17.84
C ILE K 74 -16.08 -5.58 18.42
N ALA K 75 -17.13 -5.99 17.72
CA ALA K 75 -18.00 -7.06 18.23
C ALA K 75 -17.23 -8.39 18.34
N GLY K 76 -16.37 -8.69 17.37
CA GLY K 76 -15.56 -9.90 17.39
C GLY K 76 -14.59 -9.89 18.56
N GLU K 77 -13.94 -8.75 18.78
CA GLU K 77 -13.02 -8.59 19.89
C GLU K 77 -13.77 -8.68 21.22
N ALA K 78 -14.94 -8.04 21.32
CA ALA K 78 -15.73 -8.14 22.54
C ALA K 78 -16.12 -9.60 22.77
N SER K 79 -16.40 -10.34 21.70
CA SER K 79 -16.73 -11.76 21.84
C SER K 79 -15.55 -12.52 22.41
N ARG K 80 -14.35 -12.24 21.90
CA ARG K 80 -13.14 -12.87 22.42
C ARG K 80 -12.95 -12.53 23.89
N LEU K 81 -13.07 -11.24 24.25
CA LEU K 81 -12.89 -10.86 25.66
C LEU K 81 -13.88 -11.60 26.55
N ALA K 82 -15.15 -11.66 26.14
CA ALA K 82 -16.13 -12.37 26.96
C ALA K 82 -15.79 -13.85 27.07
N HIS K 83 -15.37 -14.48 25.96
CA HIS K 83 -15.04 -15.90 25.97
C HIS K 83 -13.80 -16.23 26.79
N TYR K 84 -12.74 -15.42 26.72
CA TYR K 84 -11.53 -15.69 27.49
C TYR K 84 -11.79 -15.62 28.98
N ASN K 85 -12.76 -14.81 29.40
CA ASN K 85 -13.11 -14.64 30.79
C ASN K 85 -14.29 -15.53 31.21
N LYS K 86 -14.69 -16.45 30.33
CA LYS K 86 -15.81 -17.38 30.56
C LYS K 86 -17.12 -16.67 30.89
N ARG K 87 -17.35 -15.53 30.23
CA ARG K 87 -18.55 -14.73 30.40
C ARG K 87 -19.55 -15.07 29.30
N SER K 88 -20.84 -14.86 29.60
CA SER K 88 -21.87 -15.08 28.61
C SER K 88 -22.55 -13.78 28.17
N THR K 89 -22.06 -12.62 28.62
CA THR K 89 -22.71 -11.35 28.31
C THR K 89 -21.70 -10.30 27.86
N ILE K 90 -21.97 -9.66 26.73
CA ILE K 90 -21.14 -8.55 26.27
C ILE K 90 -21.74 -7.28 26.87
N THR K 91 -20.96 -6.57 27.69
CA THR K 91 -21.43 -5.36 28.37
C THR K 91 -20.62 -4.15 27.93
N SER K 92 -21.01 -2.99 28.44
CA SER K 92 -20.31 -1.75 28.12
C SER K 92 -18.84 -1.87 28.46
N ARG K 93 -18.54 -2.54 29.58
CA ARG K 93 -17.16 -2.78 30.00
C ARG K 93 -16.42 -3.58 28.93
N GLU K 94 -17.06 -4.65 28.44
CA GLU K 94 -16.45 -5.49 27.42
C GLU K 94 -16.12 -4.66 26.18
N ILE K 95 -17.09 -3.86 25.71
CA ILE K 95 -16.87 -3.02 24.54
C ILE K 95 -15.73 -2.04 24.80
N GLN K 96 -15.70 -1.43 25.97
CA GLN K 96 -14.64 -0.48 26.30
C GLN K 96 -13.26 -1.13 26.24
N THR K 97 -13.12 -2.35 26.77
CA THR K 97 -11.84 -3.05 26.68
C THR K 97 -11.50 -3.35 25.23
N ALA K 98 -12.46 -3.84 24.46
CA ALA K 98 -12.23 -4.13 23.05
C ALA K 98 -11.82 -2.87 22.29
N VAL K 99 -12.51 -1.76 22.53
CA VAL K 99 -12.21 -0.49 21.88
C VAL K 99 -10.80 0.00 22.23
N ARG K 100 -10.44 -0.03 23.51
CA ARG K 100 -9.08 0.38 23.89
C ARG K 100 -8.03 -0.52 23.25
N LEU K 101 -8.35 -1.79 23.03
CA LEU K 101 -7.42 -2.69 22.37
C LEU K 101 -7.35 -2.41 20.87
N LEU K 102 -8.49 -2.23 20.21
CA LEU K 102 -8.56 -2.11 18.76
C LEU K 102 -8.14 -0.74 18.22
N LEU K 103 -8.53 0.33 18.87
CA LEU K 103 -8.17 1.65 18.38
C LEU K 103 -6.80 2.11 18.90
N PRO K 104 -6.10 2.98 18.15
CA PRO K 104 -4.83 3.51 18.66
C PRO K 104 -5.06 4.44 19.85
N GLY K 105 -3.98 4.93 20.46
CA GLY K 105 -4.05 5.77 21.65
C GLY K 105 -4.94 7.01 21.72
N GLU K 106 -4.53 8.10 21.06
CA GLU K 106 -5.27 9.35 21.15
C GLU K 106 -6.72 9.17 20.68
N LEU K 107 -6.89 8.35 19.64
CA LEU K 107 -8.21 8.11 19.10
C LEU K 107 -9.03 7.36 20.13
N ALA K 108 -8.43 6.37 20.79
CA ALA K 108 -9.15 5.62 21.81
C ALA K 108 -9.61 6.54 22.93
N LYS K 109 -8.79 7.53 23.30
CA LYS K 109 -9.18 8.47 24.35
C LYS K 109 -10.45 9.23 23.96
N HIS K 110 -10.49 9.73 22.73
CA HIS K 110 -11.70 10.43 22.28
C HIS K 110 -12.90 9.48 22.19
N ALA K 111 -12.69 8.30 21.60
CA ALA K 111 -13.76 7.32 21.45
C ALA K 111 -14.34 6.91 22.80
N VAL K 112 -13.48 6.56 23.76
CA VAL K 112 -13.92 6.18 25.10
C VAL K 112 -14.70 7.32 25.75
N SER K 113 -14.25 8.56 25.57
CA SER K 113 -14.98 9.70 26.15
C SER K 113 -16.41 9.75 25.61
N GLU K 114 -16.56 9.63 24.29
CA GLU K 114 -17.90 9.63 23.68
C GLU K 114 -18.73 8.46 24.18
N GLY K 115 -18.16 7.26 24.26
CA GLY K 115 -18.89 6.11 24.76
C GLY K 115 -19.41 6.33 26.17
N THR K 116 -18.54 6.79 27.08
CA THR K 116 -18.94 7.04 28.46
C THR K 116 -20.07 8.07 28.51
N LYS K 117 -19.94 9.17 27.78
CA LYS K 117 -20.97 10.21 27.76
C LYS K 117 -22.32 9.63 27.30
N ALA K 118 -22.30 8.85 26.22
CA ALA K 118 -23.52 8.25 25.68
C ALA K 118 -24.18 7.34 26.70
N VAL K 119 -23.43 6.40 27.29
CA VAL K 119 -24.03 5.51 28.30
C VAL K 119 -24.52 6.29 29.51
N THR K 120 -23.86 7.39 29.87
CA THR K 120 -24.34 8.21 30.99
C THR K 120 -25.73 8.77 30.67
N LYS K 121 -25.88 9.45 29.54
CA LYS K 121 -27.21 9.99 29.23
C LYS K 121 -28.23 8.88 29.05
N TYR K 122 -27.83 7.71 28.56
CA TYR K 122 -28.76 6.60 28.38
C TYR K 122 -29.25 6.01 29.71
N THR K 123 -28.39 5.94 30.73
CA THR K 123 -28.78 5.33 31.99
C THR K 123 -29.55 6.27 32.92
N SER K 124 -29.37 7.59 32.82
CA SER K 124 -30.11 8.48 33.71
C SER K 124 -31.58 8.53 33.32
N GLY L 939 -16.39 25.40 -13.03
CA GLY L 939 -16.63 24.21 -13.81
C GLY L 939 -16.29 22.92 -13.09
N ASP L 940 -17.23 22.48 -12.24
CA ASP L 940 -17.07 21.24 -11.46
C ASP L 940 -18.33 20.40 -11.44
N SER L 941 -19.48 20.97 -11.83
CA SER L 941 -20.78 20.31 -11.95
C SER L 941 -20.69 19.11 -12.90
N GLU L 942 -19.65 19.06 -13.72
CA GLU L 942 -19.36 17.98 -14.65
C GLU L 942 -19.09 16.67 -13.92
N SER L 943 -18.56 16.75 -12.70
CA SER L 943 -18.27 15.57 -11.88
C SER L 943 -19.53 14.78 -11.54
N GLU L 944 -20.68 15.45 -11.38
CA GLU L 944 -21.94 14.77 -11.09
C GLU L 944 -22.33 13.78 -12.17
N ILE L 945 -22.00 14.06 -13.43
CA ILE L 945 -22.27 13.13 -14.52
C ILE L 945 -21.46 11.85 -14.34
N GLU L 946 -20.21 11.99 -13.91
CA GLU L 946 -19.32 10.85 -13.72
C GLU L 946 -19.54 10.13 -12.37
N ASP L 947 -19.99 10.83 -11.32
CA ASP L 947 -20.23 10.20 -10.02
C ASP L 947 -21.35 10.96 -9.31
N GLU L 948 -22.56 10.39 -9.33
CA GLU L 948 -23.75 11.02 -8.75
C GLU L 948 -23.78 11.11 -7.22
N THR L 949 -24.45 12.17 -6.75
CA THR L 949 -24.66 12.46 -5.33
C THR L 949 -25.69 11.51 -4.70
N PHE L 950 -25.39 10.99 -3.51
CA PHE L 950 -26.35 10.12 -2.83
C PHE L 950 -27.59 10.91 -2.45
N ASN L 951 -28.79 10.36 -2.69
CA ASN L 951 -30.03 11.06 -2.39
C ASN L 951 -30.81 10.35 -1.29
N PRO L 952 -31.03 10.97 -0.13
CA PRO L 952 -31.76 10.31 0.96
C PRO L 952 -33.27 10.15 0.79
N SER L 953 -33.90 10.81 -0.19
CA SER L 953 -35.35 10.67 -0.35
C SER L 953 -35.71 9.79 -1.55
#